data_3QWQ
#
_entry.id   3QWQ
#
_cell.length_a   68.000
_cell.length_b   72.100
_cell.length_c   262.000
_cell.angle_alpha   90.00
_cell.angle_beta   90.00
_cell.angle_gamma   90.00
#
_symmetry.space_group_name_H-M   'P 21 21 21'
#
loop_
_entity.id
_entity.type
_entity.pdbx_description
1 polymer 'Epidermal growth factor receptor'
2 polymer ADNECTIN
3 branched alpha-D-mannopyranose-(1-3)-[alpha-D-mannopyranose-(1-6)]beta-D-mannopyranose-(1-4)-2-acetamido-2-deoxy-beta-D-glucopyranose-(1-4)-[alpha-L-fucopyranose-(1-6)]2-acetamido-2-deoxy-beta-D-glucopyranose
4 branched beta-D-mannopyranose-(1-4)-2-acetamido-2-deoxy-beta-D-glucopyranose-(1-4)-2-acetamido-2-deoxy-beta-D-glucopyranose
5 branched 2-acetamido-2-deoxy-beta-D-glucopyranose-(1-4)-2-acetamido-2-deoxy-beta-D-glucopyranose
6 non-polymer 2-acetamido-2-deoxy-beta-D-glucopyranose
7 water water
#
loop_
_entity_poly.entity_id
_entity_poly.type
_entity_poly.pdbx_seq_one_letter_code
_entity_poly.pdbx_strand_id
1 'polypeptide(L)'
;MRPSGTAGAALLALLAALCPASRALEEKKVCQGTSNKLTQLGTFEDHFLSLQRMFNNCEVVLGNLEITYVQRNYDLSFLK
TIQEVAGYVLIALNTVERIPLENLQIIRGNMYYENSYALAVLSNYDANKTGLKELPMRNLQEILHGAVRFSNNPALCNVE
SIQWRDIVSSDFLSNMSMDFQNHLGSCQKCDPSCPNGSCWGAGEENCQKLTKIICAQQCSGRCRGKSPSDCCHNQCAAGC
TGPRESDCLVCRKFRDEATCKDTCPPLMLYNPTTYQMDVNPEGKYSFGATCVKKCPRNYVVTDHGSCVRACGADSYEMEE
DGVRKCKKCEGPCRKVCNGIGIGEFKDSLSINATNIKHFKNCTSISGDLHILPVAFRGDSFTHTPPLDPQELDILKTVKE
ITGFLLIQAWPENRTDLHAFENLEIIRGRTKQHGQFSLAVVSLNITSLGLRSLKEISDGDVIISGNKNLCYANTINWKKL
FGTSGQKTKIISNRGENSCKATGQVCHALCSPEGCWGPEPRDCVSCRNVSRGRECVDKCNLLEGEPREFVENSECIQCHP
ECLPQAMNITCTGRGPDNCIQCAHYIDGPHCVKTCPAGVMGENNTLVWKYADAGHVCHLCHPNCTYGCTGPGLEGCPTNG
PKHHHHHH
;
A
2 'polypeptide(L)'
;MGVSDVPRDLEVVAATPTSLLISWDSGRGSYQYYRITYGETGGNSPVQEFTVPGPVHTATISGLKPGVDYTITVYAVTDH
KPHADGPHTYHESPISINYRTEIDKPSQHHHHHH
;
B
#
loop_
_chem_comp.id
_chem_comp.type
_chem_comp.name
_chem_comp.formula
BMA D-saccharide, beta linking beta-D-mannopyranose 'C6 H12 O6'
FUC L-saccharide, alpha linking alpha-L-fucopyranose 'C6 H12 O5'
MAN D-saccharide, alpha linking alpha-D-mannopyranose 'C6 H12 O6'
NAG D-saccharide, beta linking 2-acetamido-2-deoxy-beta-D-glucopyranose 'C8 H15 N O6'
#
# COMPACT_ATOMS: atom_id res chain seq x y z
N GLU A 26 -3.77 -27.18 15.08
CA GLU A 26 -4.13 -27.89 13.84
C GLU A 26 -3.93 -27.03 12.57
N GLU A 27 -3.40 -27.65 11.47
CA GLU A 27 -3.23 -27.01 10.15
C GLU A 27 -4.57 -27.05 9.42
N LYS A 28 -5.03 -25.87 8.93
CA LYS A 28 -6.32 -25.67 8.28
C LYS A 28 -6.25 -25.46 6.75
N LYS A 29 -7.37 -25.73 6.03
CA LYS A 29 -7.52 -25.53 4.58
C LYS A 29 -7.57 -24.01 4.28
N VAL A 30 -6.63 -23.52 3.46
CA VAL A 30 -6.55 -22.08 3.15
C VAL A 30 -7.10 -21.66 1.79
N CYS A 31 -7.38 -20.36 1.64
CA CYS A 31 -7.82 -19.74 0.40
C CYS A 31 -7.46 -18.27 0.40
N GLN A 32 -7.37 -17.68 -0.81
CA GLN A 32 -6.92 -16.30 -0.95
C GLN A 32 -7.92 -15.27 -0.48
N GLY A 33 -9.20 -15.52 -0.72
CA GLY A 33 -10.23 -14.53 -0.49
C GLY A 33 -10.26 -13.67 -1.74
N THR A 34 -11.03 -12.56 -1.71
CA THR A 34 -11.22 -11.70 -2.87
C THR A 34 -11.13 -10.23 -2.51
N SER A 35 -11.05 -9.35 -3.51
CA SER A 35 -10.98 -7.90 -3.28
C SER A 35 -11.80 -7.17 -4.33
N ASN A 36 -12.97 -7.76 -4.65
CA ASN A 36 -13.92 -7.22 -5.62
C ASN A 36 -14.86 -6.17 -5.04
N LYS A 37 -14.79 -5.89 -3.69
CA LYS A 37 -15.73 -4.92 -3.04
C LYS A 37 -17.16 -5.14 -3.55
N LEU A 38 -17.78 -4.18 -4.24
CA LEU A 38 -19.14 -4.31 -4.76
C LEU A 38 -19.26 -4.71 -6.24
N THR A 39 -18.14 -5.05 -6.89
CA THR A 39 -18.09 -5.48 -8.30
C THR A 39 -18.76 -6.84 -8.52
N GLN A 40 -19.58 -6.95 -9.61
CA GLN A 40 -20.24 -8.16 -10.04
C GLN A 40 -19.42 -8.83 -11.13
N LEU A 41 -19.28 -10.18 -11.06
CA LEU A 41 -18.48 -10.95 -12.04
C LEU A 41 -19.38 -11.82 -12.91
N GLY A 42 -19.67 -11.38 -14.11
CA GLY A 42 -20.57 -12.11 -14.98
C GLY A 42 -22.02 -11.99 -14.54
N THR A 43 -22.82 -12.97 -14.92
CA THR A 43 -24.22 -13.01 -14.47
C THR A 43 -24.25 -13.47 -12.98
N PHE A 44 -25.40 -13.43 -12.35
CA PHE A 44 -25.55 -13.90 -10.97
C PHE A 44 -25.04 -15.32 -10.80
N GLU A 45 -25.20 -16.17 -11.83
CA GLU A 45 -24.70 -17.55 -11.82
C GLU A 45 -23.19 -17.62 -11.85
N ASP A 46 -22.55 -16.86 -12.77
CA ASP A 46 -21.09 -16.83 -12.87
C ASP A 46 -20.51 -16.36 -11.55
N HIS A 47 -21.06 -15.26 -11.03
CA HIS A 47 -20.63 -14.64 -9.82
C HIS A 47 -20.67 -15.66 -8.66
N PHE A 48 -21.77 -16.42 -8.55
CA PHE A 48 -21.94 -17.49 -7.55
C PHE A 48 -20.92 -18.59 -7.75
N LEU A 49 -20.84 -19.08 -9.00
CA LEU A 49 -19.92 -20.14 -9.32
C LEU A 49 -18.53 -19.76 -8.93
N SER A 50 -18.12 -18.50 -9.17
CA SER A 50 -16.75 -18.09 -8.79
C SER A 50 -16.63 -17.91 -7.31
N LEU A 51 -17.70 -17.48 -6.62
CA LEU A 51 -17.69 -17.36 -5.16
C LEU A 51 -17.49 -18.78 -4.58
N GLN A 52 -18.31 -19.74 -5.01
CA GLN A 52 -18.17 -21.12 -4.59
C GLN A 52 -16.79 -21.67 -4.86
N ARG A 53 -16.22 -21.44 -6.10
CA ARG A 53 -14.90 -22.00 -6.46
C ARG A 53 -13.83 -21.54 -5.48
N MET A 54 -13.87 -20.26 -5.13
CA MET A 54 -12.96 -19.63 -4.20
C MET A 54 -13.07 -20.16 -2.75
N PHE A 55 -14.28 -20.19 -2.17
CA PHE A 55 -14.49 -20.53 -0.75
C PHE A 55 -14.86 -21.95 -0.41
N ASN A 56 -15.13 -22.78 -1.41
CA ASN A 56 -15.48 -24.16 -1.15
C ASN A 56 -14.41 -24.91 -0.37
N ASN A 57 -14.79 -25.41 0.82
CA ASN A 57 -13.90 -26.18 1.72
C ASN A 57 -12.81 -25.38 2.44
N CYS A 58 -12.88 -24.04 2.34
CA CYS A 58 -11.95 -23.12 2.96
C CYS A 58 -12.29 -23.04 4.45
N GLU A 59 -11.23 -23.05 5.28
CA GLU A 59 -11.35 -22.91 6.74
C GLU A 59 -10.75 -21.55 7.19
N VAL A 60 -9.67 -21.12 6.52
CA VAL A 60 -8.94 -19.89 6.84
C VAL A 60 -8.79 -19.08 5.57
N VAL A 61 -9.37 -17.86 5.56
CA VAL A 61 -9.31 -16.92 4.44
C VAL A 61 -8.15 -15.95 4.68
N LEU A 62 -7.13 -15.99 3.81
CA LEU A 62 -5.93 -15.13 3.91
C LEU A 62 -6.21 -13.69 3.57
N GLY A 63 -7.18 -13.50 2.70
CA GLY A 63 -7.58 -12.17 2.26
C GLY A 63 -8.90 -11.81 2.88
N ASN A 64 -9.83 -11.36 2.04
CA ASN A 64 -11.18 -10.99 2.47
C ASN A 64 -12.22 -11.98 2.03
N LEU A 65 -13.27 -12.13 2.86
CA LEU A 65 -14.46 -12.91 2.56
C LEU A 65 -15.52 -11.92 2.07
N GLU A 66 -15.82 -11.96 0.76
CA GLU A 66 -16.83 -11.08 0.14
C GLU A 66 -17.93 -11.97 -0.40
N ILE A 67 -19.15 -11.77 0.09
CA ILE A 67 -20.35 -12.49 -0.32
C ILE A 67 -21.32 -11.41 -0.80
N THR A 68 -21.44 -11.34 -2.12
CA THR A 68 -22.25 -10.35 -2.80
C THR A 68 -23.10 -11.00 -3.86
N TYR A 69 -24.26 -10.38 -4.19
CA TYR A 69 -25.17 -10.76 -5.29
C TYR A 69 -25.69 -12.17 -5.27
N VAL A 70 -25.74 -12.80 -4.11
CA VAL A 70 -26.24 -14.17 -4.05
C VAL A 70 -27.76 -14.14 -4.00
N GLN A 71 -28.36 -14.69 -5.04
CA GLN A 71 -29.80 -14.73 -5.23
C GLN A 71 -30.53 -15.76 -4.35
N ARG A 72 -31.82 -15.50 -4.08
CA ARG A 72 -32.71 -16.35 -3.28
C ARG A 72 -32.62 -17.77 -3.81
N ASN A 73 -32.52 -18.72 -2.90
CA ASN A 73 -32.45 -20.16 -3.18
C ASN A 73 -31.09 -20.75 -3.58
N TYR A 74 -30.09 -19.89 -3.76
CA TYR A 74 -28.74 -20.36 -4.00
C TYR A 74 -28.22 -20.93 -2.69
N ASP A 75 -27.49 -22.04 -2.78
CA ASP A 75 -26.99 -22.75 -1.62
C ASP A 75 -25.66 -22.17 -1.09
N LEU A 76 -25.65 -21.63 0.15
CA LEU A 76 -24.43 -21.10 0.77
C LEU A 76 -23.90 -21.99 1.90
N SER A 77 -24.35 -23.26 1.92
CA SER A 77 -23.97 -24.24 2.95
C SER A 77 -22.48 -24.48 3.03
N PHE A 78 -21.73 -24.28 1.91
CA PHE A 78 -20.29 -24.46 1.90
C PHE A 78 -19.59 -23.50 2.85
N LEU A 79 -20.25 -22.37 3.22
CA LEU A 79 -19.70 -21.36 4.12
C LEU A 79 -19.51 -21.86 5.56
N LYS A 80 -20.20 -22.97 5.94
CA LYS A 80 -20.08 -23.54 7.28
C LYS A 80 -18.60 -23.89 7.67
N THR A 81 -17.75 -24.26 6.68
CA THR A 81 -16.35 -24.64 6.90
C THR A 81 -15.44 -23.50 7.37
N ILE A 82 -15.79 -22.23 7.00
CA ILE A 82 -14.97 -21.06 7.36
C ILE A 82 -14.89 -20.84 8.83
N GLN A 83 -13.66 -20.62 9.32
CA GLN A 83 -13.41 -20.35 10.74
C GLN A 83 -12.53 -19.15 11.06
N GLU A 84 -11.81 -18.58 10.09
CA GLU A 84 -10.92 -17.43 10.28
C GLU A 84 -10.89 -16.61 9.02
N VAL A 85 -10.91 -15.27 9.14
CA VAL A 85 -10.80 -14.32 8.05
C VAL A 85 -9.75 -13.28 8.44
N ALA A 86 -8.62 -13.24 7.70
CA ALA A 86 -7.48 -12.34 7.99
C ALA A 86 -7.78 -10.87 7.71
N GLY A 87 -8.49 -10.60 6.61
CA GLY A 87 -8.85 -9.25 6.18
C GLY A 87 -10.18 -8.83 6.69
N TYR A 88 -11.07 -8.39 5.79
CA TYR A 88 -12.44 -8.03 6.21
C TYR A 88 -13.51 -8.99 5.65
N VAL A 89 -14.73 -8.89 6.18
CA VAL A 89 -15.90 -9.65 5.74
C VAL A 89 -16.90 -8.63 5.19
N LEU A 90 -17.24 -8.75 3.88
CA LEU A 90 -18.24 -7.88 3.24
C LEU A 90 -19.43 -8.74 2.75
N ILE A 91 -20.64 -8.41 3.23
CA ILE A 91 -21.86 -9.15 2.88
C ILE A 91 -22.85 -8.10 2.35
N ALA A 92 -22.87 -7.95 1.03
CA ALA A 92 -23.69 -6.92 0.45
C ALA A 92 -24.48 -7.34 -0.72
N LEU A 93 -25.64 -6.75 -0.91
CA LEU A 93 -26.56 -6.98 -2.05
C LEU A 93 -26.96 -8.42 -2.27
N ASN A 94 -27.09 -9.20 -1.18
CA ASN A 94 -27.50 -10.60 -1.30
C ASN A 94 -28.97 -10.72 -1.09
N THR A 95 -29.56 -11.72 -1.68
CA THR A 95 -31.00 -12.00 -1.65
C THR A 95 -31.37 -13.31 -0.91
N VAL A 96 -30.36 -14.13 -0.48
CA VAL A 96 -30.50 -15.40 0.26
C VAL A 96 -31.05 -15.14 1.64
N GLU A 97 -31.97 -16.01 2.11
CA GLU A 97 -32.55 -15.91 3.44
C GLU A 97 -31.47 -16.21 4.47
N ARG A 98 -30.54 -17.14 4.13
CA ARG A 98 -29.52 -17.62 5.06
C ARG A 98 -28.05 -17.65 4.54
N ILE A 99 -27.12 -17.17 5.40
CA ILE A 99 -25.68 -17.13 5.16
C ILE A 99 -25.09 -17.87 6.34
N PRO A 100 -24.85 -19.22 6.16
CA PRO A 100 -24.43 -20.03 7.31
C PRO A 100 -22.97 -19.92 7.71
N LEU A 101 -22.59 -18.74 8.17
CA LEU A 101 -21.23 -18.58 8.67
C LEU A 101 -21.18 -19.02 10.16
N GLU A 102 -21.70 -20.24 10.44
CA GLU A 102 -21.85 -20.82 11.78
C GLU A 102 -20.53 -21.06 12.52
N ASN A 103 -19.39 -21.18 11.80
CA ASN A 103 -18.10 -21.50 12.44
C ASN A 103 -17.00 -20.45 12.39
N LEU A 104 -17.32 -19.27 11.85
CA LEU A 104 -16.43 -18.12 11.81
C LEU A 104 -16.16 -17.61 13.24
N GLN A 105 -14.91 -17.80 13.70
CA GLN A 105 -14.43 -17.43 15.05
C GLN A 105 -13.80 -16.07 15.18
N ILE A 106 -13.11 -15.60 14.13
CA ILE A 106 -12.35 -14.36 14.16
C ILE A 106 -12.29 -13.67 12.81
N ILE A 107 -12.28 -12.34 12.81
CA ILE A 107 -12.03 -11.49 11.66
C ILE A 107 -10.89 -10.62 12.18
N ARG A 108 -9.68 -10.76 11.59
CA ARG A 108 -8.47 -10.04 12.05
C ARG A 108 -8.43 -8.58 11.65
N GLY A 109 -9.20 -8.20 10.65
CA GLY A 109 -9.23 -6.82 10.21
C GLY A 109 -7.88 -6.27 9.79
N ASN A 110 -7.02 -7.11 9.13
CA ASN A 110 -5.71 -6.72 8.60
C ASN A 110 -5.92 -5.78 7.44
N MET A 111 -7.17 -5.66 7.00
CA MET A 111 -7.61 -4.82 5.88
C MET A 111 -9.04 -4.35 6.18
N TYR A 112 -9.36 -3.10 5.80
CA TYR A 112 -10.68 -2.53 6.08
C TYR A 112 -11.53 -2.34 4.82
N TYR A 113 -12.84 -2.28 5.03
CA TYR A 113 -13.77 -1.98 3.97
C TYR A 113 -14.18 -0.56 4.20
N GLU A 114 -14.10 0.26 3.15
CA GLU A 114 -14.43 1.69 3.19
C GLU A 114 -13.73 2.45 4.32
N ASN A 115 -12.41 2.20 4.43
CA ASN A 115 -11.47 2.79 5.39
C ASN A 115 -11.68 2.55 6.88
N SER A 116 -12.74 1.81 7.31
CA SER A 116 -12.91 1.60 8.76
C SER A 116 -13.54 0.28 9.21
N TYR A 117 -14.20 -0.44 8.30
CA TYR A 117 -14.91 -1.65 8.70
C TYR A 117 -14.23 -2.97 8.46
N ALA A 118 -14.27 -3.84 9.47
CA ALA A 118 -13.78 -5.22 9.40
C ALA A 118 -14.97 -6.12 9.03
N LEU A 119 -16.19 -5.71 9.43
CA LEU A 119 -17.46 -6.37 9.14
C LEU A 119 -18.43 -5.33 8.58
N ALA A 120 -18.96 -5.59 7.38
CA ALA A 120 -19.95 -4.72 6.74
C ALA A 120 -21.01 -5.57 6.10
N VAL A 121 -22.22 -5.40 6.61
CA VAL A 121 -23.41 -6.12 6.17
C VAL A 121 -24.36 -5.07 5.63
N LEU A 122 -24.45 -5.00 4.29
CA LEU A 122 -25.26 -3.97 3.65
C LEU A 122 -26.19 -4.42 2.58
N SER A 123 -27.36 -3.78 2.58
CA SER A 123 -28.40 -3.82 1.56
C SER A 123 -28.67 -5.18 1.02
N ASN A 124 -29.02 -6.11 1.92
CA ASN A 124 -29.29 -7.50 1.56
C ASN A 124 -30.78 -7.73 1.46
N TYR A 125 -31.38 -7.17 0.40
CA TYR A 125 -32.80 -7.26 0.16
C TYR A 125 -33.17 -7.04 -1.28
N ASP A 126 -34.46 -7.20 -1.59
CA ASP A 126 -35.07 -7.06 -2.90
C ASP A 126 -36.26 -6.12 -2.85
N ALA A 127 -36.89 -5.91 -4.04
CA ALA A 127 -38.09 -5.10 -4.25
C ALA A 127 -39.22 -5.39 -3.22
N ASN A 128 -39.41 -6.67 -2.80
CA ASN A 128 -40.44 -7.02 -1.82
C ASN A 128 -40.03 -6.77 -0.36
N LYS A 129 -38.81 -6.31 -0.11
CA LYS A 129 -38.26 -6.07 1.23
C LYS A 129 -37.96 -7.38 2.02
N THR A 130 -37.63 -8.45 1.29
CA THR A 130 -37.19 -9.77 1.79
C THR A 130 -35.72 -9.85 1.44
N GLY A 131 -35.02 -10.81 2.01
CA GLY A 131 -33.61 -11.01 1.78
C GLY A 131 -33.01 -11.77 2.94
N LEU A 132 -31.83 -11.34 3.39
CA LEU A 132 -31.09 -12.00 4.43
C LEU A 132 -31.81 -11.89 5.73
N LYS A 133 -32.28 -13.04 6.24
CA LYS A 133 -33.01 -13.09 7.51
C LYS A 133 -31.99 -13.55 8.58
N GLU A 134 -31.36 -14.69 8.33
CA GLU A 134 -30.41 -15.32 9.22
C GLU A 134 -28.95 -15.33 8.81
N LEU A 135 -28.10 -14.86 9.72
CA LEU A 135 -26.65 -14.75 9.66
C LEU A 135 -26.18 -15.32 11.02
N PRO A 136 -26.28 -16.67 11.18
CA PRO A 136 -26.02 -17.27 12.50
C PRO A 136 -24.55 -17.35 12.86
N MET A 137 -23.94 -16.20 13.15
CA MET A 137 -22.52 -16.14 13.49
C MET A 137 -22.29 -16.42 14.99
N ARG A 138 -22.84 -17.56 15.49
CA ARG A 138 -22.75 -17.97 16.91
C ARG A 138 -21.35 -18.24 17.47
N ASN A 139 -20.33 -18.29 16.60
CA ASN A 139 -18.93 -18.50 17.02
C ASN A 139 -18.08 -17.28 16.77
N LEU A 140 -18.67 -16.15 16.28
CA LEU A 140 -17.86 -14.95 16.08
C LEU A 140 -17.61 -14.26 17.42
N GLN A 141 -16.41 -14.46 17.99
CA GLN A 141 -16.08 -13.87 19.28
C GLN A 141 -15.04 -12.79 19.20
N GLU A 142 -14.38 -12.62 18.06
CA GLU A 142 -13.30 -11.65 18.00
C GLU A 142 -13.11 -10.92 16.69
N ILE A 143 -13.00 -9.57 16.78
CA ILE A 143 -12.69 -8.67 15.68
C ILE A 143 -11.48 -7.85 16.13
N LEU A 144 -10.29 -8.42 15.92
CA LEU A 144 -8.99 -7.85 16.25
C LEU A 144 -8.84 -6.33 15.90
N HIS A 145 -9.16 -5.93 14.65
CA HIS A 145 -9.04 -4.52 14.23
C HIS A 145 -10.22 -4.09 13.37
N GLY A 146 -10.63 -2.84 13.51
CA GLY A 146 -11.70 -2.26 12.70
C GLY A 146 -13.06 -2.27 13.35
N ALA A 147 -13.98 -1.51 12.77
CA ALA A 147 -15.35 -1.39 13.23
C ALA A 147 -16.36 -2.29 12.43
N VAL A 148 -17.66 -2.15 12.73
CA VAL A 148 -18.71 -2.96 12.15
C VAL A 148 -19.77 -2.01 11.62
N ARG A 149 -20.18 -2.22 10.34
CA ARG A 149 -21.26 -1.46 9.72
C ARG A 149 -22.40 -2.40 9.34
N PHE A 150 -23.61 -2.06 9.74
CA PHE A 150 -24.84 -2.75 9.42
C PHE A 150 -25.75 -1.68 8.89
N SER A 151 -26.12 -1.80 7.62
CA SER A 151 -26.98 -0.86 6.96
C SER A 151 -27.98 -1.55 6.02
N ASN A 152 -29.22 -1.04 6.05
CA ASN A 152 -30.31 -1.36 5.18
C ASN A 152 -30.51 -2.87 4.83
N ASN A 153 -30.84 -3.66 5.87
CA ASN A 153 -31.15 -5.10 5.81
C ASN A 153 -32.53 -5.26 6.47
N PRO A 154 -33.59 -4.96 5.69
CA PRO A 154 -34.98 -5.00 6.22
C PRO A 154 -35.48 -6.34 6.73
N ALA A 155 -34.88 -7.48 6.29
CA ALA A 155 -35.25 -8.85 6.65
C ALA A 155 -34.44 -9.49 7.78
N LEU A 156 -33.31 -8.88 8.19
CA LEU A 156 -32.38 -9.43 9.19
C LEU A 156 -32.99 -9.64 10.56
N CYS A 157 -32.70 -10.79 11.19
CA CYS A 157 -33.20 -11.13 12.51
C CYS A 157 -32.06 -11.34 13.48
N ASN A 158 -32.36 -11.08 14.77
CA ASN A 158 -31.55 -11.34 15.96
C ASN A 158 -30.30 -10.55 16.20
N VAL A 159 -29.58 -10.20 15.12
CA VAL A 159 -28.32 -9.47 15.19
C VAL A 159 -28.36 -8.18 16.02
N GLU A 160 -29.50 -7.44 16.06
CA GLU A 160 -29.65 -6.23 16.93
C GLU A 160 -29.46 -6.49 18.44
N SER A 161 -29.68 -7.74 18.90
CA SER A 161 -29.47 -8.11 20.28
C SER A 161 -27.99 -8.15 20.67
N ILE A 162 -27.10 -8.53 19.74
CA ILE A 162 -25.65 -8.71 19.93
C ILE A 162 -24.87 -7.62 20.69
N GLN A 163 -24.05 -8.04 21.66
CA GLN A 163 -23.22 -7.12 22.45
C GLN A 163 -21.80 -7.05 21.90
N TRP A 164 -21.63 -6.19 20.86
CA TRP A 164 -20.37 -5.98 20.11
C TRP A 164 -19.15 -5.57 20.94
N ARG A 165 -19.38 -5.08 22.18
CA ARG A 165 -18.37 -4.70 23.17
C ARG A 165 -17.45 -5.90 23.53
N ASP A 166 -18.03 -7.13 23.54
CA ASP A 166 -17.30 -8.39 23.78
C ASP A 166 -16.51 -8.84 22.52
N ILE A 167 -16.96 -8.40 21.32
CA ILE A 167 -16.40 -8.79 20.02
C ILE A 167 -15.28 -7.86 19.52
N VAL A 168 -15.57 -6.56 19.51
CA VAL A 168 -14.76 -5.48 19.00
C VAL A 168 -13.85 -4.80 20.04
N SER A 169 -12.63 -4.41 19.61
CA SER A 169 -11.65 -3.67 20.39
C SER A 169 -12.18 -2.25 20.62
N SER A 170 -12.20 -1.84 21.90
CA SER A 170 -12.65 -0.54 22.43
C SER A 170 -12.26 0.68 21.59
N ASP A 171 -11.10 0.63 20.93
CA ASP A 171 -10.59 1.72 20.09
C ASP A 171 -11.54 2.03 18.93
N PHE A 172 -12.38 1.03 18.56
CA PHE A 172 -13.30 1.07 17.41
C PHE A 172 -14.79 1.26 17.71
N LEU A 173 -15.21 1.10 18.98
CA LEU A 173 -16.62 1.29 19.41
C LEU A 173 -17.24 2.65 18.96
N SER A 174 -16.39 3.68 18.89
CA SER A 174 -16.69 5.03 18.44
C SER A 174 -17.00 5.05 16.95
N ASN A 175 -16.34 4.16 16.16
CA ASN A 175 -16.48 4.08 14.70
C ASN A 175 -17.57 3.10 14.22
N MET A 176 -18.32 2.46 15.15
CA MET A 176 -19.41 1.53 14.81
C MET A 176 -20.50 2.23 14.04
N SER A 177 -21.17 1.49 13.13
CA SER A 177 -22.26 2.04 12.34
C SER A 177 -23.38 0.99 12.30
N MET A 178 -24.26 1.02 13.31
CA MET A 178 -25.33 0.04 13.44
C MET A 178 -26.70 0.62 13.29
N ASP A 179 -27.35 0.19 12.20
CA ASP A 179 -28.70 0.50 11.82
C ASP A 179 -29.42 -0.83 11.64
N PHE A 180 -30.50 -1.03 12.44
CA PHE A 180 -31.39 -2.20 12.45
C PHE A 180 -32.86 -1.77 12.41
N GLN A 181 -33.71 -2.43 11.56
CA GLN A 181 -35.16 -2.17 11.36
C GLN A 181 -35.90 -3.23 10.50
N ASN A 182 -37.23 -3.49 10.79
CA ASN A 182 -38.10 -4.43 10.04
C ASN A 182 -39.61 -4.12 9.88
N HIS A 183 -40.44 -4.55 10.87
CA HIS A 183 -41.91 -4.44 11.01
C HIS A 183 -42.26 -5.18 12.31
N LEU A 184 -41.74 -6.42 12.36
CA LEU A 184 -41.63 -7.51 13.35
C LEU A 184 -40.63 -8.41 12.61
N GLY A 185 -40.61 -8.21 11.27
CA GLY A 185 -39.76 -8.84 10.27
C GLY A 185 -39.76 -10.35 10.26
N SER A 186 -40.81 -10.96 10.89
CA SER A 186 -40.98 -12.40 11.04
C SER A 186 -39.71 -12.97 11.71
N CYS A 187 -39.47 -12.52 12.95
CA CYS A 187 -38.31 -12.90 13.74
C CYS A 187 -38.76 -13.68 14.96
N GLN A 188 -37.99 -14.72 15.31
CA GLN A 188 -38.19 -15.52 16.49
C GLN A 188 -37.36 -14.85 17.59
N LYS A 189 -37.87 -14.92 18.83
CA LYS A 189 -37.21 -14.32 20.00
C LYS A 189 -35.98 -15.18 20.38
N CYS A 190 -35.05 -14.63 21.17
CA CYS A 190 -33.86 -15.37 21.59
C CYS A 190 -34.29 -16.37 22.66
N ASP A 191 -33.53 -17.46 22.84
CA ASP A 191 -33.80 -18.46 23.87
C ASP A 191 -33.67 -17.83 25.31
N PRO A 192 -34.46 -18.28 26.31
CA PRO A 192 -34.34 -17.70 27.67
C PRO A 192 -32.94 -17.76 28.28
N SER A 193 -32.18 -18.81 27.92
CA SER A 193 -30.81 -19.10 28.33
C SER A 193 -29.76 -18.09 27.80
N CYS A 194 -30.10 -17.18 26.86
CA CYS A 194 -29.11 -16.24 26.33
C CYS A 194 -28.79 -15.10 27.31
N PRO A 195 -27.53 -14.63 27.38
CA PRO A 195 -27.21 -13.54 28.32
C PRO A 195 -27.69 -12.18 27.82
N ASN A 196 -28.46 -11.48 28.67
CA ASN A 196 -29.04 -10.15 28.39
C ASN A 196 -29.89 -10.20 27.12
N GLY A 197 -30.33 -11.42 26.76
CA GLY A 197 -31.13 -11.71 25.58
C GLY A 197 -30.39 -11.57 24.26
N SER A 198 -29.06 -11.74 24.27
CA SER A 198 -28.22 -11.63 23.09
C SER A 198 -28.03 -12.97 22.38
N CYS A 199 -28.49 -13.05 21.11
CA CYS A 199 -28.39 -14.25 20.28
C CYS A 199 -28.19 -13.93 18.80
N TRP A 200 -27.80 -14.93 18.00
CA TRP A 200 -27.56 -14.85 16.54
C TRP A 200 -28.68 -15.45 15.71
N GLY A 201 -29.63 -16.08 16.38
CA GLY A 201 -30.78 -16.75 15.78
C GLY A 201 -31.61 -17.54 16.77
N ALA A 202 -32.56 -18.33 16.24
CA ALA A 202 -33.41 -19.18 17.08
C ALA A 202 -32.58 -20.34 17.67
N GLY A 203 -32.97 -20.80 18.86
CA GLY A 203 -32.32 -21.90 19.57
C GLY A 203 -31.33 -21.43 20.60
N GLU A 204 -31.00 -22.31 21.57
CA GLU A 204 -30.03 -21.98 22.60
C GLU A 204 -28.59 -22.10 22.11
N GLU A 205 -28.38 -22.85 21.01
CA GLU A 205 -27.05 -23.00 20.43
C GLU A 205 -26.60 -21.71 19.80
N ASN A 206 -27.55 -20.83 19.45
CA ASN A 206 -27.33 -19.53 18.84
C ASN A 206 -27.19 -18.36 19.81
N CYS A 207 -27.00 -18.63 21.10
CA CYS A 207 -26.80 -17.60 22.14
C CYS A 207 -25.41 -17.03 21.99
N GLN A 208 -25.26 -15.76 22.36
CA GLN A 208 -23.98 -15.10 22.34
C GLN A 208 -23.13 -15.66 23.50
N LYS A 209 -21.95 -16.21 23.16
CA LYS A 209 -20.98 -16.73 24.13
C LYS A 209 -20.10 -15.52 24.43
N LEU A 210 -20.03 -15.09 25.72
CA LEU A 210 -19.24 -13.92 26.13
C LEU A 210 -17.91 -14.35 26.72
N THR A 211 -16.79 -13.69 26.30
CA THR A 211 -15.41 -14.02 26.75
C THR A 211 -14.50 -12.79 27.00
N LYS A 212 -15.09 -11.60 27.20
CA LYS A 212 -14.34 -10.36 27.42
C LYS A 212 -15.05 -9.52 28.47
N ILE A 213 -16.31 -9.13 28.19
CA ILE A 213 -17.16 -8.35 29.09
C ILE A 213 -17.45 -9.07 30.45
N ILE A 214 -17.51 -10.43 30.45
CA ILE A 214 -17.78 -11.23 31.65
C ILE A 214 -16.52 -11.61 32.43
N CYS A 215 -15.35 -11.18 31.97
CA CYS A 215 -14.10 -11.56 32.63
C CYS A 215 -13.89 -10.93 33.99
N ALA A 216 -13.02 -11.54 34.81
CA ALA A 216 -12.63 -10.97 36.11
C ALA A 216 -11.73 -9.78 35.82
N GLN A 217 -11.70 -8.76 36.72
CA GLN A 217 -10.87 -7.55 36.57
C GLN A 217 -9.38 -7.90 36.37
N GLN A 218 -8.95 -9.00 37.03
CA GLN A 218 -7.62 -9.60 37.05
C GLN A 218 -7.14 -10.04 35.65
N CYS A 219 -8.09 -10.51 34.80
CA CYS A 219 -7.83 -11.02 33.45
C CYS A 219 -7.28 -9.98 32.47
N SER A 220 -6.19 -10.38 31.77
CA SER A 220 -5.45 -9.59 30.77
C SER A 220 -6.19 -9.44 29.42
N GLY A 221 -6.77 -10.54 28.95
CA GLY A 221 -7.52 -10.59 27.71
C GLY A 221 -8.81 -11.37 27.85
N ARG A 222 -8.87 -12.53 27.16
CA ARG A 222 -10.05 -13.41 27.17
C ARG A 222 -10.13 -14.28 28.42
N CYS A 223 -11.26 -15.02 28.57
CA CYS A 223 -11.59 -15.92 29.69
C CYS A 223 -12.68 -16.93 29.31
N ARG A 224 -12.72 -18.11 29.97
CA ARG A 224 -13.75 -19.14 29.75
C ARG A 224 -14.76 -19.17 30.91
N GLY A 225 -14.95 -18.03 31.56
CA GLY A 225 -15.83 -17.84 32.70
C GLY A 225 -15.46 -16.64 33.55
N LYS A 226 -16.35 -16.28 34.49
CA LYS A 226 -16.21 -15.12 35.37
C LYS A 226 -15.11 -15.23 36.46
N SER A 227 -14.80 -16.47 36.90
CA SER A 227 -13.81 -16.78 37.97
C SER A 227 -12.32 -16.48 37.62
N PRO A 228 -11.41 -16.29 38.61
CA PRO A 228 -10.00 -16.00 38.26
C PRO A 228 -9.28 -17.19 37.61
N SER A 229 -9.67 -18.43 38.03
CA SER A 229 -9.18 -19.69 37.48
C SER A 229 -9.51 -19.70 35.98
N ASP A 230 -10.76 -19.29 35.65
CA ASP A 230 -11.30 -19.13 34.31
C ASP A 230 -10.71 -17.87 33.67
N CYS A 231 -9.51 -18.01 33.11
CA CYS A 231 -8.78 -16.91 32.49
C CYS A 231 -7.86 -17.47 31.39
N CYS A 232 -7.81 -16.77 30.24
CA CYS A 232 -7.04 -17.17 29.05
C CYS A 232 -5.69 -16.55 28.98
N HIS A 233 -4.76 -17.30 28.36
CA HIS A 233 -3.39 -16.92 28.07
C HIS A 233 -3.40 -15.71 27.11
N ASN A 234 -2.60 -14.69 27.39
CA ASN A 234 -2.48 -13.45 26.59
C ASN A 234 -2.51 -13.70 25.07
N GLN A 235 -1.94 -14.84 24.63
CA GLN A 235 -1.83 -15.22 23.23
C GLN A 235 -3.08 -15.79 22.57
N CYS A 236 -4.18 -15.95 23.35
CA CYS A 236 -5.47 -16.40 22.86
C CYS A 236 -6.29 -15.29 22.28
N ALA A 237 -7.07 -15.67 21.27
CA ALA A 237 -8.02 -14.83 20.58
C ALA A 237 -9.33 -15.58 20.69
N ALA A 238 -10.46 -14.84 20.78
CA ALA A 238 -11.86 -15.32 20.87
C ALA A 238 -12.22 -16.00 22.20
N GLY A 239 -11.50 -17.04 22.55
CA GLY A 239 -11.65 -17.76 23.79
C GLY A 239 -10.61 -18.86 23.96
N CYS A 240 -10.83 -19.72 24.96
CA CYS A 240 -9.93 -20.82 25.25
C CYS A 240 -10.63 -21.96 25.94
N THR A 241 -9.96 -23.12 26.00
CA THR A 241 -10.44 -24.32 26.70
C THR A 241 -9.73 -24.48 28.06
N GLY A 242 -8.52 -23.91 28.16
CA GLY A 242 -7.66 -23.91 29.34
C GLY A 242 -6.82 -22.64 29.45
N PRO A 243 -5.86 -22.54 30.41
CA PRO A 243 -5.10 -21.29 30.55
C PRO A 243 -3.72 -21.25 29.88
N ARG A 244 -3.40 -22.23 29.04
CA ARG A 244 -2.12 -22.30 28.32
C ARG A 244 -2.29 -21.69 26.90
N GLU A 245 -1.15 -21.35 26.27
CA GLU A 245 -1.03 -20.82 24.92
C GLU A 245 -1.19 -21.95 23.89
N SER A 246 -1.47 -23.17 24.37
CA SER A 246 -1.71 -24.36 23.55
C SER A 246 -3.20 -24.72 23.65
N ASP A 247 -3.95 -23.97 24.47
CA ASP A 247 -5.38 -24.17 24.75
C ASP A 247 -6.30 -23.06 24.22
N CYS A 248 -5.80 -22.19 23.30
CA CYS A 248 -6.56 -21.10 22.67
C CYS A 248 -7.54 -21.64 21.64
N LEU A 249 -8.66 -20.94 21.42
CA LEU A 249 -9.57 -21.36 20.35
C LEU A 249 -8.93 -20.94 19.04
N VAL A 250 -8.35 -19.72 19.03
CA VAL A 250 -7.68 -19.03 17.94
C VAL A 250 -6.50 -18.25 18.55
N CYS A 251 -5.40 -18.10 17.76
CA CYS A 251 -4.17 -17.40 18.11
C CYS A 251 -4.24 -15.95 17.73
N ARG A 252 -4.11 -15.06 18.72
CA ARG A 252 -4.13 -13.59 18.60
C ARG A 252 -3.11 -13.06 17.57
N LYS A 253 -1.95 -13.73 17.44
CA LYS A 253 -0.89 -13.34 16.52
C LYS A 253 -0.43 -14.48 15.61
N PHE A 254 0.29 -15.48 16.15
CA PHE A 254 0.79 -16.59 15.35
C PHE A 254 0.54 -17.94 15.94
N ARG A 255 0.38 -18.93 15.08
CA ARG A 255 0.22 -20.29 15.53
C ARG A 255 1.41 -21.05 15.02
N ASP A 256 2.25 -21.53 15.95
CA ASP A 256 3.39 -22.36 15.64
C ASP A 256 3.06 -23.73 16.16
N GLU A 257 2.71 -24.61 15.20
CA GLU A 257 2.21 -25.96 15.37
C GLU A 257 0.98 -26.02 16.27
N ALA A 258 1.14 -26.35 17.56
CA ALA A 258 -0.01 -26.44 18.47
C ALA A 258 0.01 -25.35 19.54
N THR A 259 0.77 -24.27 19.32
CA THR A 259 0.87 -23.18 20.29
C THR A 259 0.76 -21.80 19.66
N CYS A 260 0.20 -20.84 20.43
CA CYS A 260 0.11 -19.44 20.06
C CYS A 260 1.35 -18.76 20.65
N LYS A 261 2.11 -18.12 19.77
CA LYS A 261 3.36 -17.42 20.05
C LYS A 261 3.24 -15.98 19.56
N ASP A 262 3.91 -15.01 20.22
CA ASP A 262 3.86 -13.60 19.81
C ASP A 262 4.52 -13.34 18.45
N THR A 263 5.45 -14.22 18.08
CA THR A 263 6.19 -14.18 16.82
C THR A 263 6.66 -15.59 16.50
N CYS A 264 7.20 -15.77 15.31
CA CYS A 264 7.72 -17.07 14.89
C CYS A 264 9.18 -17.22 15.37
N PRO A 265 9.69 -18.47 15.57
CA PRO A 265 11.11 -18.64 15.90
C PRO A 265 11.94 -17.85 14.88
N PRO A 266 12.84 -16.95 15.36
CA PRO A 266 13.59 -16.08 14.42
C PRO A 266 14.35 -16.83 13.36
N LEU A 267 14.50 -16.23 12.19
CA LEU A 267 15.20 -16.85 11.06
C LEU A 267 16.68 -16.85 11.31
N MET A 268 17.15 -15.80 12.02
CA MET A 268 18.55 -15.57 12.39
C MET A 268 18.71 -15.60 13.90
N LEU A 269 19.86 -16.07 14.37
CA LEU A 269 20.12 -16.07 15.80
C LEU A 269 21.50 -15.50 16.12
N TYR A 270 21.67 -15.01 17.34
CA TYR A 270 22.94 -14.40 17.77
C TYR A 270 23.88 -15.49 18.27
N ASN A 271 25.09 -15.54 17.67
CA ASN A 271 26.14 -16.48 18.05
C ASN A 271 27.09 -15.73 19.03
N PRO A 272 27.04 -16.04 20.34
CA PRO A 272 27.87 -15.30 21.30
C PRO A 272 29.39 -15.38 21.07
N THR A 273 29.84 -16.52 20.50
CA THR A 273 31.23 -16.84 20.15
C THR A 273 31.71 -15.96 19.01
N THR A 274 31.03 -15.94 17.88
CA THR A 274 31.46 -15.14 16.73
C THR A 274 30.93 -13.68 16.75
N TYR A 275 29.88 -13.38 17.57
CA TYR A 275 29.17 -12.08 17.66
C TYR A 275 28.38 -11.84 16.35
N GLN A 276 28.38 -12.87 15.49
CA GLN A 276 27.74 -12.85 14.19
C GLN A 276 26.36 -13.50 14.24
N MET A 277 25.43 -12.99 13.43
CA MET A 277 24.06 -13.50 13.30
C MET A 277 24.11 -14.68 12.37
N ASP A 278 23.71 -15.85 12.85
CA ASP A 278 23.75 -17.05 12.05
C ASP A 278 22.35 -17.44 11.65
N VAL A 279 22.23 -18.29 10.61
CA VAL A 279 20.93 -18.78 10.15
C VAL A 279 20.43 -19.75 11.22
N ASN A 280 19.20 -19.51 11.73
CA ASN A 280 18.61 -20.37 12.75
C ASN A 280 18.11 -21.66 12.11
N PRO A 281 18.67 -22.82 12.52
CA PRO A 281 18.20 -24.11 11.97
C PRO A 281 16.72 -24.40 12.21
N GLU A 282 16.17 -23.87 13.33
CA GLU A 282 14.77 -24.01 13.75
C GLU A 282 13.93 -22.74 13.38
N GLY A 283 14.45 -21.95 12.42
CA GLY A 283 13.84 -20.70 11.96
C GLY A 283 12.53 -20.86 11.22
N LYS A 284 11.57 -19.93 11.45
CA LYS A 284 10.26 -20.05 10.79
C LYS A 284 9.75 -18.80 10.11
N TYR A 285 9.26 -18.97 8.89
CA TYR A 285 8.67 -17.92 8.07
C TYR A 285 7.21 -17.78 8.49
N SER A 286 6.68 -16.55 8.47
CA SER A 286 5.27 -16.34 8.79
C SER A 286 4.41 -16.39 7.52
N PHE A 287 3.44 -17.32 7.44
CA PHE A 287 2.49 -17.48 6.34
C PHE A 287 1.13 -17.23 6.99
N GLY A 288 0.53 -16.07 6.73
CA GLY A 288 -0.68 -15.67 7.40
C GLY A 288 -0.39 -15.52 8.89
N ALA A 289 -1.13 -16.22 9.72
CA ALA A 289 -0.97 -16.19 11.15
C ALA A 289 -0.44 -17.57 11.57
N THR A 290 0.42 -18.13 10.70
CA THR A 290 1.03 -19.46 10.81
C THR A 290 2.56 -19.41 10.65
N CYS A 291 3.28 -20.22 11.42
CA CYS A 291 4.75 -20.31 11.39
C CYS A 291 5.18 -21.53 10.55
N VAL A 292 5.90 -21.27 9.43
CA VAL A 292 6.36 -22.29 8.47
C VAL A 292 7.87 -22.38 8.23
N LYS A 293 8.39 -23.62 8.07
CA LYS A 293 9.80 -23.90 7.78
C LYS A 293 10.16 -23.47 6.35
N LYS A 294 9.19 -23.58 5.42
CA LYS A 294 9.34 -23.18 4.03
C LYS A 294 8.03 -22.54 3.55
N CYS A 295 8.12 -21.54 2.65
CA CYS A 295 6.93 -20.89 2.09
C CYS A 295 6.22 -21.90 1.19
N PRO A 296 4.87 -21.85 1.06
CA PRO A 296 4.19 -22.76 0.13
C PRO A 296 4.54 -22.47 -1.32
N ARG A 297 4.31 -23.44 -2.23
CA ARG A 297 4.56 -23.27 -3.67
C ARG A 297 3.92 -21.98 -4.19
N ASN A 298 4.64 -21.24 -5.06
CA ASN A 298 4.22 -19.96 -5.70
C ASN A 298 4.23 -18.71 -4.78
N TYR A 299 4.77 -18.86 -3.53
CA TYR A 299 4.88 -17.79 -2.55
C TYR A 299 6.28 -17.18 -2.50
N VAL A 300 6.35 -15.87 -2.24
CA VAL A 300 7.59 -15.10 -2.20
C VAL A 300 7.96 -14.70 -0.77
N VAL A 301 9.27 -14.75 -0.47
CA VAL A 301 9.83 -14.43 0.84
C VAL A 301 10.07 -12.91 0.91
N THR A 302 9.64 -12.27 2.01
CA THR A 302 9.80 -10.83 2.22
C THR A 302 10.96 -10.47 3.16
N ASP A 303 11.23 -9.16 3.27
CA ASP A 303 12.28 -8.57 4.10
C ASP A 303 11.96 -8.60 5.61
N HIS A 304 10.89 -9.29 6.02
CA HIS A 304 10.48 -9.36 7.43
C HIS A 304 10.07 -10.77 7.90
N GLY A 305 10.40 -11.78 7.09
CA GLY A 305 10.15 -13.18 7.38
C GLY A 305 8.84 -13.77 6.91
N SER A 306 8.04 -12.99 6.15
CA SER A 306 6.74 -13.42 5.68
C SER A 306 6.67 -14.00 4.30
N CYS A 307 5.71 -14.91 4.15
CA CYS A 307 5.38 -15.58 2.90
C CYS A 307 4.25 -14.75 2.29
N VAL A 308 4.46 -14.32 1.05
CA VAL A 308 3.56 -13.43 0.33
C VAL A 308 3.32 -13.92 -1.12
N ARG A 309 2.07 -13.78 -1.63
CA ARG A 309 1.70 -14.22 -2.99
C ARG A 309 2.47 -13.46 -4.10
N ALA A 310 2.67 -12.12 -3.90
CA ALA A 310 3.40 -11.21 -4.80
C ALA A 310 3.99 -10.00 -4.05
N CYS A 311 5.16 -9.49 -4.54
CA CYS A 311 5.89 -8.35 -3.95
C CYS A 311 5.09 -7.04 -4.00
N GLY A 312 5.44 -6.11 -3.11
CA GLY A 312 4.81 -4.80 -3.00
C GLY A 312 5.08 -3.85 -4.16
N ALA A 313 4.69 -2.59 -3.96
CA ALA A 313 4.85 -1.53 -4.96
C ALA A 313 6.28 -0.97 -4.95
N ASP A 314 6.88 -0.85 -3.74
CA ASP A 314 8.25 -0.36 -3.55
C ASP A 314 9.30 -1.49 -3.68
N SER A 315 8.90 -2.65 -4.27
CA SER A 315 9.79 -3.81 -4.40
C SER A 315 9.55 -4.72 -5.60
N TYR A 316 10.62 -5.35 -6.08
CA TYR A 316 10.63 -6.32 -7.19
C TYR A 316 11.02 -7.68 -6.62
N GLU A 317 10.76 -8.73 -7.42
CA GLU A 317 11.05 -10.13 -7.11
C GLU A 317 12.36 -10.57 -7.79
N MET A 318 13.09 -11.50 -7.15
CA MET A 318 14.35 -12.05 -7.66
C MET A 318 14.59 -13.47 -7.13
N GLU A 319 14.77 -14.44 -8.05
CA GLU A 319 14.98 -15.85 -7.70
C GLU A 319 16.41 -16.18 -7.24
N GLU A 320 16.93 -15.39 -6.27
CA GLU A 320 18.25 -15.52 -5.63
C GLU A 320 18.32 -16.87 -4.90
N ASP A 321 19.35 -17.69 -5.23
CA ASP A 321 19.61 -19.03 -4.70
C ASP A 321 18.43 -20.05 -4.81
N GLY A 322 17.72 -20.00 -5.96
CA GLY A 322 16.60 -20.89 -6.27
C GLY A 322 15.28 -20.57 -5.59
N VAL A 323 15.33 -19.72 -4.54
CA VAL A 323 14.19 -19.24 -3.74
C VAL A 323 13.79 -17.83 -4.20
N ARG A 324 12.52 -17.65 -4.62
CA ARG A 324 11.99 -16.35 -5.04
C ARG A 324 11.93 -15.45 -3.80
N LYS A 325 12.42 -14.20 -3.90
CA LYS A 325 12.52 -13.25 -2.78
C LYS A 325 12.13 -11.82 -3.19
N CYS A 326 11.65 -11.01 -2.23
CA CYS A 326 11.29 -9.60 -2.46
C CYS A 326 12.46 -8.75 -2.07
N LYS A 327 12.85 -7.85 -2.96
CA LYS A 327 13.94 -6.91 -2.72
C LYS A 327 13.43 -5.51 -3.01
N LYS A 328 13.58 -4.57 -2.05
CA LYS A 328 13.18 -3.17 -2.24
C LYS A 328 13.99 -2.65 -3.43
N CYS A 329 13.27 -2.24 -4.49
CA CYS A 329 13.90 -1.77 -5.73
C CYS A 329 14.67 -0.47 -5.54
N GLU A 330 15.90 -0.37 -6.13
CA GLU A 330 16.86 0.75 -6.06
C GLU A 330 16.21 2.16 -5.81
N GLY A 331 15.75 2.83 -6.86
CA GLY A 331 15.04 4.10 -6.72
C GLY A 331 13.56 3.84 -6.90
N PRO A 332 12.87 4.50 -7.88
CA PRO A 332 11.47 4.15 -8.13
C PRO A 332 11.45 2.83 -8.91
N CYS A 333 10.45 1.98 -8.64
CA CYS A 333 10.31 0.68 -9.29
C CYS A 333 10.04 0.82 -10.79
N ARG A 334 10.78 0.02 -11.61
CA ARG A 334 10.71 0.01 -13.07
C ARG A 334 9.28 -0.13 -13.62
N LYS A 335 8.86 0.89 -14.40
CA LYS A 335 7.56 1.01 -15.06
C LYS A 335 7.83 1.42 -16.50
N VAL A 336 7.79 0.44 -17.43
CA VAL A 336 7.95 0.70 -18.86
C VAL A 336 6.60 1.13 -19.40
N CYS A 337 6.55 2.30 -20.01
CA CYS A 337 5.29 2.82 -20.55
C CYS A 337 5.50 3.54 -21.91
N ASN A 338 4.40 3.68 -22.69
CA ASN A 338 4.41 4.18 -24.06
C ASN A 338 4.94 5.60 -24.33
N GLY A 339 5.38 5.82 -25.56
CA GLY A 339 5.88 7.10 -26.04
C GLY A 339 4.81 7.89 -26.77
N ILE A 340 5.18 9.10 -27.25
CA ILE A 340 4.26 9.95 -28.00
C ILE A 340 3.96 9.35 -29.34
N GLY A 341 2.67 9.10 -29.54
CA GLY A 341 2.15 8.53 -30.77
C GLY A 341 1.81 7.06 -30.70
N ILE A 342 2.08 6.34 -29.56
CA ILE A 342 1.78 4.91 -29.66
C ILE A 342 0.53 4.39 -28.91
N GLY A 343 0.54 4.36 -27.59
CA GLY A 343 -0.58 3.76 -26.86
C GLY A 343 -1.75 4.69 -26.69
N GLU A 344 -1.95 5.14 -25.44
CA GLU A 344 -2.97 6.13 -25.06
C GLU A 344 -2.60 7.40 -25.86
N PHE A 345 -1.28 7.60 -26.02
CA PHE A 345 -0.64 8.73 -26.66
C PHE A 345 -0.67 8.72 -28.20
N LYS A 346 -1.47 7.82 -28.82
CA LYS A 346 -1.65 7.78 -30.27
C LYS A 346 -2.42 9.05 -30.66
N ASP A 347 -2.04 9.66 -31.77
CA ASP A 347 -2.68 10.90 -32.25
C ASP A 347 -2.41 12.17 -31.42
N SER A 348 -1.63 12.05 -30.31
CA SER A 348 -1.20 13.18 -29.50
C SER A 348 0.08 13.71 -30.13
N LEU A 349 0.14 15.03 -30.34
CA LEU A 349 1.28 15.68 -30.94
C LEU A 349 2.43 15.95 -29.96
N SER A 350 2.15 16.01 -28.63
CA SER A 350 3.15 16.35 -27.61
C SER A 350 2.74 15.89 -26.22
N ILE A 351 3.71 15.91 -25.28
CA ILE A 351 3.44 15.67 -23.86
C ILE A 351 2.64 16.92 -23.53
N ASN A 352 1.42 16.74 -23.04
CA ASN A 352 0.52 17.86 -22.85
C ASN A 352 -0.27 17.83 -21.54
N ALA A 353 -1.06 18.91 -21.25
CA ALA A 353 -1.84 19.08 -20.00
C ALA A 353 -2.69 17.87 -19.61
N THR A 354 -3.28 17.19 -20.60
CA THR A 354 -4.13 16.03 -20.43
C THR A 354 -3.30 14.74 -20.20
N ASN A 355 -2.47 14.33 -21.19
CA ASN A 355 -1.66 13.11 -21.17
C ASN A 355 -0.52 13.01 -20.11
N ILE A 356 0.12 14.14 -19.71
CA ILE A 356 1.23 14.17 -18.73
C ILE A 356 1.03 13.32 -17.46
N LYS A 357 -0.24 13.15 -17.04
CA LYS A 357 -0.64 12.36 -15.87
C LYS A 357 -0.23 10.92 -16.03
N HIS A 358 -0.34 10.38 -17.25
CA HIS A 358 -0.02 8.98 -17.52
C HIS A 358 1.44 8.60 -17.40
N PHE A 359 2.33 9.58 -17.40
CA PHE A 359 3.78 9.38 -17.28
C PHE A 359 4.29 9.25 -15.84
N LYS A 360 3.37 9.27 -14.83
CA LYS A 360 3.59 9.25 -13.38
C LYS A 360 4.87 8.68 -12.81
N ASN A 361 4.95 7.36 -12.58
CA ASN A 361 6.18 6.80 -12.02
C ASN A 361 7.00 6.04 -13.08
N CYS A 362 6.71 6.36 -14.37
CA CYS A 362 7.36 5.79 -15.56
C CYS A 362 8.89 6.03 -15.53
N THR A 363 9.66 4.95 -15.69
CA THR A 363 11.12 4.99 -15.64
C THR A 363 11.72 4.81 -17.02
N SER A 364 10.99 4.10 -17.91
CA SER A 364 11.41 3.80 -19.26
C SER A 364 10.32 4.19 -20.24
N ILE A 365 10.71 4.85 -21.34
CA ILE A 365 9.76 5.24 -22.37
C ILE A 365 9.92 4.37 -23.62
N SER A 366 8.88 3.58 -23.96
CA SER A 366 8.88 2.71 -25.12
C SER A 366 8.36 3.49 -26.30
N GLY A 367 9.29 4.18 -26.94
CA GLY A 367 9.06 5.08 -28.06
C GLY A 367 9.62 6.45 -27.77
N ASP A 368 9.18 7.45 -28.57
CA ASP A 368 9.60 8.85 -28.56
C ASP A 368 8.91 9.76 -27.53
N LEU A 369 9.58 10.90 -27.23
CA LEU A 369 9.07 11.96 -26.36
C LEU A 369 9.18 13.30 -27.09
N HIS A 370 8.02 13.95 -27.29
CA HIS A 370 7.93 15.27 -27.94
C HIS A 370 7.44 16.31 -26.96
N ILE A 371 8.18 17.43 -26.87
CA ILE A 371 7.82 18.61 -26.05
C ILE A 371 7.88 19.77 -27.03
N LEU A 372 6.68 20.15 -27.52
CA LEU A 372 6.46 21.16 -28.54
C LEU A 372 5.70 22.41 -28.01
N PRO A 373 5.81 23.58 -28.69
CA PRO A 373 5.06 24.79 -28.23
C PRO A 373 3.56 24.66 -27.96
N VAL A 374 2.87 23.80 -28.72
CA VAL A 374 1.43 23.53 -28.58
C VAL A 374 1.03 23.02 -27.16
N ALA A 375 2.00 22.48 -26.40
CA ALA A 375 1.77 21.98 -25.04
C ALA A 375 1.60 23.14 -24.08
N PHE A 376 2.51 24.11 -24.18
CA PHE A 376 2.52 25.27 -23.28
C PHE A 376 1.48 26.29 -23.64
N ARG A 377 1.13 26.38 -24.93
CA ARG A 377 0.14 27.33 -25.40
C ARG A 377 -1.29 26.79 -25.34
N GLY A 378 -1.43 25.47 -25.44
CA GLY A 378 -2.73 24.81 -25.43
C GLY A 378 -3.29 24.66 -26.82
N ASP A 379 -4.26 23.76 -26.99
CA ASP A 379 -4.86 23.51 -28.30
C ASP A 379 -6.38 23.37 -28.24
N SER A 380 -7.09 24.30 -28.91
CA SER A 380 -8.55 24.40 -29.03
C SER A 380 -9.16 23.15 -29.67
N PHE A 381 -8.66 22.79 -30.88
CA PHE A 381 -9.09 21.65 -31.69
C PHE A 381 -9.14 20.30 -30.93
N THR A 382 -8.18 20.07 -30.00
CA THR A 382 -8.10 18.82 -29.23
C THR A 382 -8.53 18.97 -27.76
N HIS A 383 -9.01 20.18 -27.38
CA HIS A 383 -9.48 20.53 -26.03
C HIS A 383 -8.42 20.40 -24.94
N THR A 384 -7.16 20.73 -25.33
CA THR A 384 -6.02 20.67 -24.44
C THR A 384 -5.70 22.04 -23.87
N PRO A 385 -5.84 22.21 -22.55
CA PRO A 385 -5.50 23.51 -21.95
C PRO A 385 -3.97 23.70 -21.87
N PRO A 386 -3.43 24.91 -21.62
CA PRO A 386 -1.95 25.06 -21.51
C PRO A 386 -1.30 24.13 -20.48
N LEU A 387 -0.05 23.73 -20.71
CA LEU A 387 0.63 22.88 -19.73
C LEU A 387 1.21 23.76 -18.63
N ASP A 388 0.97 23.37 -17.39
CA ASP A 388 1.53 24.08 -16.26
C ASP A 388 2.98 23.58 -16.08
N PRO A 389 4.00 24.45 -16.33
CA PRO A 389 5.40 24.02 -16.19
C PRO A 389 5.82 23.18 -14.98
N GLN A 390 5.10 23.30 -13.82
CA GLN A 390 5.31 22.48 -12.61
C GLN A 390 5.11 21.00 -12.96
N GLU A 391 4.16 20.70 -13.84
CA GLU A 391 3.87 19.33 -14.26
C GLU A 391 5.07 18.56 -14.89
N LEU A 392 6.02 19.29 -15.54
CA LEU A 392 7.22 18.67 -16.15
C LEU A 392 8.08 17.84 -15.17
N ASP A 393 7.95 18.10 -13.84
CA ASP A 393 8.66 17.38 -12.77
C ASP A 393 8.27 15.88 -12.74
N ILE A 394 7.16 15.52 -13.40
CA ILE A 394 6.68 14.14 -13.50
C ILE A 394 7.73 13.26 -14.21
N LEU A 395 8.44 13.84 -15.19
CA LEU A 395 9.46 13.22 -16.02
C LEU A 395 10.79 12.90 -15.32
N LYS A 396 10.95 13.33 -14.05
CA LYS A 396 12.19 13.12 -13.27
C LYS A 396 12.49 11.65 -13.02
N THR A 397 11.46 10.78 -13.10
CA THR A 397 11.61 9.32 -12.96
C THR A 397 12.17 8.66 -14.24
N VAL A 398 12.01 9.32 -15.42
CA VAL A 398 12.52 8.80 -16.69
C VAL A 398 14.05 8.70 -16.70
N LYS A 399 14.53 7.45 -16.86
CA LYS A 399 15.96 7.10 -16.92
C LYS A 399 16.31 6.52 -18.31
N GLU A 400 15.32 6.02 -19.06
CA GLU A 400 15.56 5.41 -20.37
C GLU A 400 14.54 5.85 -21.38
N ILE A 401 15.00 6.26 -22.59
CA ILE A 401 14.16 6.60 -23.74
C ILE A 401 14.57 5.67 -24.86
N THR A 402 13.63 4.83 -25.28
CA THR A 402 13.79 3.83 -26.34
C THR A 402 13.93 4.51 -27.68
N GLY A 403 13.09 5.51 -27.93
CA GLY A 403 13.09 6.23 -29.18
C GLY A 403 14.01 7.42 -29.16
N PHE A 404 13.44 8.59 -29.51
CA PHE A 404 14.17 9.84 -29.53
C PHE A 404 13.58 10.87 -28.56
N LEU A 405 14.34 11.96 -28.25
CA LEU A 405 13.83 13.05 -27.40
C LEU A 405 13.88 14.34 -28.20
N LEU A 406 12.71 14.95 -28.41
CA LEU A 406 12.59 16.17 -29.19
C LEU A 406 11.99 17.22 -28.31
N ILE A 407 12.77 18.28 -28.05
CA ILE A 407 12.37 19.45 -27.26
C ILE A 407 12.48 20.72 -28.13
N GLN A 408 11.30 21.21 -28.59
CA GLN A 408 11.16 22.44 -29.40
C GLN A 408 10.64 23.60 -28.55
N ALA A 409 10.17 23.29 -27.33
CA ALA A 409 9.66 24.24 -26.35
C ALA A 409 9.97 23.82 -24.94
N TRP A 410 10.34 24.80 -24.12
CA TRP A 410 10.68 24.65 -22.69
C TRP A 410 10.27 25.92 -21.96
N PRO A 411 9.79 25.85 -20.69
CA PRO A 411 9.46 27.09 -19.96
C PRO A 411 10.67 28.02 -19.97
N GLU A 412 10.51 29.24 -20.52
CA GLU A 412 11.59 30.24 -20.62
C GLU A 412 12.31 30.57 -19.30
N ASN A 413 11.59 30.50 -18.15
CA ASN A 413 12.18 30.77 -16.84
C ASN A 413 13.07 29.65 -16.25
N ARG A 414 13.07 28.44 -16.88
CA ARG A 414 13.89 27.29 -16.46
C ARG A 414 15.19 27.32 -17.26
N THR A 415 16.33 27.45 -16.58
CA THR A 415 17.66 27.55 -17.17
C THR A 415 18.24 26.25 -17.74
N ASP A 416 17.62 25.11 -17.36
CA ASP A 416 18.05 23.73 -17.58
C ASP A 416 16.95 22.85 -18.13
N LEU A 417 17.34 21.65 -18.63
CA LEU A 417 16.36 20.63 -18.96
C LEU A 417 16.31 19.82 -17.63
N HIS A 418 15.70 20.45 -16.61
CA HIS A 418 15.61 19.94 -15.24
C HIS A 418 14.95 18.58 -15.11
N ALA A 419 13.83 18.40 -15.82
CA ALA A 419 12.99 17.21 -15.83
C ALA A 419 13.73 15.95 -16.23
N PHE A 420 14.78 16.12 -17.05
CA PHE A 420 15.58 15.02 -17.60
C PHE A 420 16.90 14.78 -16.89
N GLU A 421 16.99 15.27 -15.64
CA GLU A 421 18.18 15.12 -14.79
C GLU A 421 18.50 13.65 -14.43
N ASN A 422 17.53 12.73 -14.53
CA ASN A 422 17.84 11.34 -14.21
C ASN A 422 17.96 10.41 -15.42
N LEU A 423 17.75 10.96 -16.64
CA LEU A 423 17.86 10.28 -17.93
C LEU A 423 19.29 9.81 -18.19
N GLU A 424 19.46 8.49 -18.12
CA GLU A 424 20.72 7.76 -18.29
C GLU A 424 21.05 7.36 -19.73
N ILE A 425 20.04 6.95 -20.51
CA ILE A 425 20.17 6.43 -21.89
C ILE A 425 19.06 6.88 -22.86
N ILE A 426 19.46 7.16 -24.11
CA ILE A 426 18.60 7.46 -25.28
C ILE A 426 19.01 6.39 -26.29
N ARG A 427 18.07 5.55 -26.75
CA ARG A 427 18.36 4.44 -27.68
C ARG A 427 18.35 4.73 -29.16
N GLY A 428 17.60 5.74 -29.59
CA GLY A 428 17.53 6.12 -31.00
C GLY A 428 17.04 5.02 -31.93
N ARG A 429 16.10 4.18 -31.45
CA ARG A 429 15.50 3.10 -32.24
C ARG A 429 14.66 3.75 -33.33
N THR A 430 13.87 4.74 -32.96
CA THR A 430 13.08 5.61 -33.84
C THR A 430 13.75 6.97 -33.70
N LYS A 431 13.84 7.73 -34.78
CA LYS A 431 14.53 9.03 -34.79
C LYS A 431 13.66 10.15 -35.39
N GLN A 432 13.92 11.43 -34.99
CA GLN A 432 13.19 12.59 -35.49
C GLN A 432 13.63 12.84 -36.94
N HIS A 433 12.67 12.80 -37.90
CA HIS A 433 12.91 12.88 -39.37
C HIS A 433 13.86 11.72 -39.81
N GLY A 434 13.82 10.63 -39.04
CA GLY A 434 14.66 9.45 -39.22
C GLY A 434 16.15 9.67 -39.03
N GLN A 435 16.54 10.73 -38.27
CA GLN A 435 17.95 11.05 -38.08
C GLN A 435 18.40 11.26 -36.65
N PHE A 436 17.66 12.07 -35.88
CA PHE A 436 18.05 12.46 -34.53
C PHE A 436 17.43 11.69 -33.42
N SER A 437 18.26 11.32 -32.45
CA SER A 437 17.84 10.63 -31.21
C SER A 437 17.74 11.69 -30.11
N LEU A 438 18.41 12.83 -30.32
CA LEU A 438 18.37 13.95 -29.40
C LEU A 438 18.30 15.25 -30.19
N ALA A 439 17.16 15.95 -30.06
CA ALA A 439 16.89 17.22 -30.71
C ALA A 439 16.46 18.26 -29.70
N VAL A 440 17.35 19.22 -29.43
CA VAL A 440 17.15 20.31 -28.47
C VAL A 440 17.20 21.59 -29.29
N VAL A 441 16.02 22.16 -29.54
CA VAL A 441 15.89 23.29 -30.46
C VAL A 441 15.15 24.52 -29.92
N SER A 442 15.75 25.72 -30.13
CA SER A 442 15.24 27.07 -29.84
C SER A 442 14.61 27.27 -28.47
N LEU A 443 15.47 27.25 -27.44
CA LEU A 443 15.10 27.37 -26.03
C LEU A 443 15.91 28.44 -25.31
N ASN A 444 15.36 28.97 -24.19
CA ASN A 444 16.05 30.00 -23.41
C ASN A 444 17.13 29.40 -22.48
N ILE A 445 17.18 28.07 -22.38
CA ILE A 445 18.15 27.34 -21.55
C ILE A 445 19.59 27.87 -21.65
N THR A 446 20.27 27.87 -20.50
CA THR A 446 21.65 28.29 -20.33
C THR A 446 22.59 27.06 -20.35
N SER A 447 22.04 25.90 -19.93
CA SER A 447 22.74 24.62 -19.89
C SER A 447 21.80 23.46 -20.18
N LEU A 448 22.35 22.32 -20.67
CA LEU A 448 21.59 21.06 -20.86
C LEU A 448 21.75 20.36 -19.50
N GLY A 449 20.74 20.37 -18.65
CA GLY A 449 20.93 19.77 -17.33
C GLY A 449 20.94 18.25 -17.31
N LEU A 450 21.59 17.62 -18.33
CA LEU A 450 21.59 16.16 -18.54
C LEU A 450 22.74 15.44 -17.86
N ARG A 451 22.93 15.70 -16.53
CA ARG A 451 24.01 15.09 -15.75
C ARG A 451 24.05 13.59 -15.65
N SER A 452 22.91 12.94 -15.90
CA SER A 452 22.86 11.48 -15.90
C SER A 452 23.10 10.83 -17.29
N LEU A 453 23.06 11.64 -18.39
CA LEU A 453 23.24 11.12 -19.76
C LEU A 453 24.53 10.39 -19.95
N LYS A 454 24.46 9.06 -20.03
CA LYS A 454 25.63 8.20 -20.17
C LYS A 454 25.74 7.56 -21.52
N GLU A 455 24.63 7.45 -22.26
CA GLU A 455 24.68 6.79 -23.57
C GLU A 455 23.61 7.26 -24.53
N ILE A 456 24.02 7.49 -25.80
CA ILE A 456 23.15 7.76 -26.96
C ILE A 456 23.46 6.60 -27.95
N SER A 457 22.79 5.46 -27.76
CA SER A 457 23.01 4.20 -28.49
C SER A 457 23.06 4.34 -29.99
N ASP A 458 22.09 5.05 -30.58
CA ASP A 458 22.00 5.29 -32.02
C ASP A 458 21.43 6.71 -32.24
N GLY A 459 21.33 7.14 -33.50
CA GLY A 459 20.80 8.44 -33.88
C GLY A 459 21.79 9.56 -33.72
N ASP A 460 21.54 10.67 -34.42
CA ASP A 460 22.37 11.88 -34.40
C ASP A 460 21.88 12.83 -33.33
N VAL A 461 22.64 13.90 -33.03
CA VAL A 461 22.29 14.87 -31.98
C VAL A 461 22.22 16.31 -32.55
N ILE A 462 21.05 16.96 -32.47
CA ILE A 462 20.91 18.34 -32.93
C ILE A 462 20.63 19.26 -31.77
N ILE A 463 21.50 20.29 -31.59
CA ILE A 463 21.39 21.34 -30.57
C ILE A 463 21.55 22.69 -31.30
N SER A 464 20.43 23.33 -31.68
CA SER A 464 20.46 24.63 -32.41
C SER A 464 19.42 25.66 -31.96
N GLY A 465 19.72 26.95 -32.19
CA GLY A 465 18.83 28.06 -31.88
C GLY A 465 18.65 28.34 -30.39
N ASN A 466 19.53 27.77 -29.56
CA ASN A 466 19.44 27.98 -28.13
C ASN A 466 20.37 29.11 -27.85
N LYS A 467 19.83 30.34 -28.01
CA LYS A 467 20.54 31.62 -27.88
C LYS A 467 21.44 31.77 -26.65
N ASN A 468 21.01 31.24 -25.46
CA ASN A 468 21.77 31.36 -24.22
C ASN A 468 22.59 30.11 -23.83
N LEU A 469 22.38 29.00 -24.57
CA LEU A 469 23.03 27.70 -24.35
C LEU A 469 24.54 27.76 -24.45
N CYS A 470 25.19 27.38 -23.35
CA CYS A 470 26.61 27.53 -23.16
C CYS A 470 27.51 26.31 -22.97
N TYR A 471 27.01 25.08 -22.82
CA TYR A 471 28.03 24.08 -22.49
C TYR A 471 28.20 22.88 -23.43
N ALA A 472 27.24 22.68 -24.37
CA ALA A 472 27.11 21.56 -25.33
C ALA A 472 28.39 21.09 -26.03
N ASN A 473 29.18 22.05 -26.44
CA ASN A 473 30.44 22.00 -27.15
C ASN A 473 31.61 21.35 -26.36
N THR A 474 31.50 21.27 -25.02
CA THR A 474 32.55 20.70 -24.14
C THR A 474 32.49 19.17 -24.08
N ILE A 475 31.29 18.60 -24.30
CA ILE A 475 31.05 17.17 -24.20
C ILE A 475 31.77 16.37 -25.29
N ASN A 476 32.31 15.21 -24.89
CA ASN A 476 32.93 14.25 -25.79
C ASN A 476 31.77 13.28 -26.15
N TRP A 477 31.04 13.66 -27.21
CA TRP A 477 29.89 12.93 -27.71
C TRP A 477 30.23 11.53 -28.22
N LYS A 478 31.49 11.32 -28.66
CA LYS A 478 31.99 10.03 -29.14
C LYS A 478 32.01 9.00 -27.99
N LYS A 479 32.10 9.48 -26.73
CA LYS A 479 32.05 8.63 -25.53
C LYS A 479 30.62 8.09 -25.38
N LEU A 480 29.61 9.00 -25.38
CA LEU A 480 28.19 8.70 -25.26
C LEU A 480 27.69 7.83 -26.42
N PHE A 481 28.11 8.17 -27.66
CA PHE A 481 27.71 7.46 -28.86
C PHE A 481 28.11 5.98 -28.84
N GLY A 482 27.15 5.14 -29.20
CA GLY A 482 27.32 3.70 -29.25
C GLY A 482 28.10 3.25 -30.45
N THR A 483 27.76 3.80 -31.62
CA THR A 483 28.38 3.47 -32.91
C THR A 483 29.13 4.66 -33.49
N SER A 484 30.03 4.42 -34.45
CA SER A 484 30.63 5.52 -35.19
C SER A 484 29.61 5.72 -36.34
N GLY A 485 29.56 6.94 -36.88
CA GLY A 485 28.57 7.26 -37.91
C GLY A 485 27.54 8.19 -37.30
N GLN A 486 27.42 8.14 -35.95
CA GLN A 486 26.57 9.02 -35.16
C GLN A 486 27.29 10.36 -35.17
N LYS A 487 26.57 11.43 -35.56
CA LYS A 487 27.18 12.76 -35.70
C LYS A 487 26.44 13.80 -34.86
N THR A 488 27.07 14.97 -34.63
CA THR A 488 26.43 16.07 -33.89
C THR A 488 26.29 17.27 -34.79
N LYS A 489 25.17 18.00 -34.63
CA LYS A 489 24.92 19.26 -35.32
C LYS A 489 24.64 20.28 -34.21
N ILE A 490 25.71 20.86 -33.64
CA ILE A 490 25.63 21.85 -32.57
C ILE A 490 26.02 23.20 -33.13
N ILE A 491 25.01 24.00 -33.49
CA ILE A 491 25.25 25.34 -34.05
C ILE A 491 24.18 26.33 -33.58
N SER A 492 24.34 27.63 -33.91
CA SER A 492 23.39 28.72 -33.61
C SER A 492 22.97 28.86 -32.13
N ASN A 493 23.92 28.61 -31.24
CA ASN A 493 23.71 28.70 -29.80
C ASN A 493 24.43 29.93 -29.34
N ARG A 494 24.78 30.06 -28.03
CA ARG A 494 25.51 31.23 -27.57
C ARG A 494 26.95 31.09 -28.06
N GLY A 495 27.56 32.22 -28.37
CA GLY A 495 28.93 32.27 -28.84
C GLY A 495 29.89 31.62 -27.86
N GLU A 496 30.58 30.52 -28.30
CA GLU A 496 31.58 29.77 -27.52
C GLU A 496 32.63 30.70 -26.85
N ASN A 497 32.93 31.86 -27.49
CA ASN A 497 33.85 32.86 -26.95
C ASN A 497 33.16 33.61 -25.81
N SER A 498 31.88 34.06 -26.01
CA SER A 498 31.13 34.78 -24.97
C SER A 498 30.86 33.92 -23.74
N CYS A 499 30.71 32.59 -23.93
CA CYS A 499 30.57 31.63 -22.84
C CYS A 499 31.82 31.81 -21.98
N LYS A 500 33.02 31.57 -22.58
CA LYS A 500 34.34 31.70 -21.96
C LYS A 500 34.48 33.07 -21.31
N ALA A 501 34.19 34.14 -22.10
CA ALA A 501 34.23 35.54 -21.70
C ALA A 501 33.40 35.86 -20.45
N THR A 502 32.22 35.22 -20.30
CA THR A 502 31.36 35.44 -19.12
C THR A 502 31.46 34.33 -18.09
N GLY A 503 32.59 33.59 -18.14
CA GLY A 503 32.90 32.51 -17.21
C GLY A 503 32.03 31.25 -17.29
N GLN A 504 31.13 31.20 -18.28
CA GLN A 504 30.24 30.05 -18.47
C GLN A 504 30.98 28.87 -19.10
N VAL A 505 31.84 28.24 -18.28
CA VAL A 505 32.70 27.11 -18.65
C VAL A 505 32.59 25.97 -17.63
N CYS A 506 33.39 24.91 -17.80
CA CYS A 506 33.40 23.76 -16.92
C CYS A 506 34.18 23.99 -15.66
N HIS A 507 33.67 23.43 -14.56
CA HIS A 507 34.28 23.49 -13.25
C HIS A 507 35.68 22.89 -13.30
N ALA A 508 36.64 23.48 -12.57
CA ALA A 508 38.03 23.02 -12.59
C ALA A 508 38.21 21.57 -12.16
N LEU A 509 37.22 21.02 -11.45
CA LEU A 509 37.23 19.63 -11.00
C LEU A 509 36.84 18.62 -12.09
N CYS A 510 36.15 19.08 -13.16
CA CYS A 510 35.76 18.24 -14.30
C CYS A 510 37.01 17.74 -15.02
N SER A 511 36.91 16.54 -15.61
CA SER A 511 37.95 15.95 -16.46
C SER A 511 37.84 16.67 -17.85
N PRO A 512 38.86 16.62 -18.75
CA PRO A 512 38.72 17.30 -20.06
C PRO A 512 37.54 16.83 -20.92
N GLU A 513 36.87 15.75 -20.47
CA GLU A 513 35.69 15.11 -21.05
C GLU A 513 34.41 15.98 -21.06
N GLY A 514 34.48 17.21 -20.57
CA GLY A 514 33.36 18.15 -20.60
C GLY A 514 32.38 18.10 -19.44
N CYS A 515 31.33 18.94 -19.57
CA CYS A 515 30.28 19.12 -18.56
C CYS A 515 28.92 19.46 -19.17
N TRP A 516 27.86 19.39 -18.36
CA TRP A 516 26.48 19.72 -18.73
C TRP A 516 26.03 21.08 -18.18
N GLY A 517 26.93 21.73 -17.44
CA GLY A 517 26.68 23.01 -16.79
C GLY A 517 27.86 23.42 -15.94
N PRO A 518 27.77 24.54 -15.20
CA PRO A 518 28.94 25.02 -14.42
C PRO A 518 29.31 24.27 -13.15
N GLU A 519 28.29 23.66 -12.49
CA GLU A 519 28.42 23.00 -11.20
C GLU A 519 29.34 21.78 -11.20
N PRO A 520 29.99 21.44 -10.05
CA PRO A 520 30.84 20.23 -10.03
C PRO A 520 30.04 18.92 -10.12
N ARG A 521 28.67 19.01 -10.06
CA ARG A 521 27.77 17.87 -10.21
C ARG A 521 27.46 17.65 -11.70
N ASP A 522 27.66 18.70 -12.51
CA ASP A 522 27.44 18.78 -13.96
C ASP A 522 28.58 18.17 -14.86
N CYS A 523 29.73 17.72 -14.28
CA CYS A 523 30.85 17.08 -15.02
C CYS A 523 30.46 15.75 -15.68
N VAL A 524 31.20 15.37 -16.73
CA VAL A 524 30.97 14.08 -17.39
C VAL A 524 31.69 13.04 -16.51
N SER A 525 32.95 13.34 -16.18
CA SER A 525 33.78 12.61 -15.23
C SER A 525 34.68 13.64 -14.50
N CYS A 526 35.10 13.28 -13.27
CA CYS A 526 35.91 14.10 -12.37
C CYS A 526 37.36 13.85 -12.64
N ARG A 527 38.21 14.82 -12.30
CA ARG A 527 39.63 14.54 -12.50
C ARG A 527 40.23 13.72 -11.37
N ASN A 528 39.56 13.71 -10.20
CA ASN A 528 40.01 13.00 -9.03
C ASN A 528 38.88 12.21 -8.39
N VAL A 529 38.48 12.61 -7.19
CA VAL A 529 37.44 11.99 -6.37
C VAL A 529 36.05 12.59 -6.62
N SER A 530 35.02 11.91 -6.11
CA SER A 530 33.63 12.33 -6.18
C SER A 530 32.90 11.93 -4.88
N ARG A 531 31.92 12.75 -4.47
CA ARG A 531 31.02 12.48 -3.35
C ARG A 531 29.64 12.58 -3.96
N GLY A 532 28.96 11.44 -4.06
CA GLY A 532 27.67 11.35 -4.73
C GLY A 532 27.83 11.71 -6.21
N ARG A 533 26.90 12.51 -6.73
CA ARG A 533 26.94 12.97 -8.12
C ARG A 533 27.99 14.10 -8.35
N GLU A 534 28.59 14.65 -7.25
CA GLU A 534 29.51 15.78 -7.23
C GLU A 534 31.02 15.46 -7.26
N CYS A 535 31.77 16.20 -8.10
CA CYS A 535 33.23 16.10 -8.16
C CYS A 535 33.76 16.96 -7.03
N VAL A 536 34.64 16.40 -6.19
CA VAL A 536 35.19 17.08 -5.02
C VAL A 536 36.72 17.10 -5.03
N ASP A 537 37.34 18.03 -4.31
CA ASP A 537 38.81 18.13 -4.25
C ASP A 537 39.43 17.11 -3.29
N LYS A 538 38.63 16.60 -2.31
CA LYS A 538 39.07 15.61 -1.32
C LYS A 538 37.88 14.91 -0.67
N CYS A 539 38.15 13.74 -0.05
CA CYS A 539 37.23 12.95 0.77
C CYS A 539 37.53 13.31 2.24
N ASN A 540 36.54 13.19 3.14
CA ASN A 540 36.66 13.49 4.58
C ASN A 540 37.47 12.42 5.34
N LEU A 541 38.67 12.07 4.86
CA LEU A 541 39.52 11.03 5.47
C LEU A 541 39.97 11.37 6.88
N LEU A 542 40.49 12.60 7.06
CA LEU A 542 40.99 13.03 8.35
C LEU A 542 40.30 14.25 8.92
N GLU A 543 39.64 15.06 8.10
CA GLU A 543 39.08 16.29 8.66
C GLU A 543 37.58 16.51 8.69
N GLY A 544 36.88 15.92 7.75
CA GLY A 544 35.46 16.16 7.56
C GLY A 544 34.42 15.95 8.64
N GLU A 545 33.23 16.48 8.33
CA GLU A 545 31.99 16.49 9.10
C GLU A 545 31.58 15.03 9.21
N PRO A 546 30.96 14.36 8.19
CA PRO A 546 30.80 12.88 8.30
C PRO A 546 32.08 12.22 7.75
N ARG A 547 32.81 11.50 8.62
CA ARG A 547 34.09 10.87 8.25
C ARG A 547 33.90 9.82 7.14
N GLU A 548 34.92 9.67 6.28
CA GLU A 548 34.87 8.86 5.07
C GLU A 548 36.11 8.05 4.71
N PHE A 549 35.94 7.06 3.81
CA PHE A 549 37.00 6.25 3.23
C PHE A 549 36.91 6.32 1.68
N VAL A 550 37.95 5.87 0.97
CA VAL A 550 37.92 5.94 -0.49
C VAL A 550 37.78 4.56 -1.17
N GLU A 551 36.78 4.43 -2.06
CA GLU A 551 36.54 3.22 -2.84
C GLU A 551 36.18 3.58 -4.29
N ASN A 552 37.08 3.23 -5.24
CA ASN A 552 36.94 3.45 -6.69
C ASN A 552 36.82 4.97 -7.01
N SER A 553 37.64 5.78 -6.31
CA SER A 553 37.68 7.25 -6.40
C SER A 553 36.34 7.90 -5.95
N GLU A 554 35.64 7.24 -5.01
CA GLU A 554 34.38 7.70 -4.42
C GLU A 554 34.50 7.81 -2.91
N CYS A 555 34.00 8.90 -2.35
CA CYS A 555 34.02 9.17 -0.92
C CYS A 555 32.83 8.46 -0.29
N ILE A 556 33.11 7.32 0.36
CA ILE A 556 32.08 6.57 1.06
C ILE A 556 32.19 6.82 2.57
N GLN A 557 31.06 7.19 3.20
CA GLN A 557 30.93 7.48 4.63
C GLN A 557 31.31 6.29 5.49
N CYS A 558 31.78 6.58 6.68
CA CYS A 558 32.10 5.59 7.69
C CYS A 558 30.80 5.34 8.41
N HIS A 559 30.68 4.18 9.05
CA HIS A 559 29.50 3.87 9.84
C HIS A 559 29.35 4.94 10.97
N PRO A 560 28.12 5.39 11.32
CA PRO A 560 28.00 6.41 12.39
C PRO A 560 28.63 6.04 13.74
N GLU A 561 28.87 4.74 13.99
CA GLU A 561 29.47 4.23 15.23
C GLU A 561 30.99 4.32 15.31
N CYS A 562 31.66 4.70 14.20
CA CYS A 562 33.11 4.90 14.17
C CYS A 562 33.44 6.24 14.83
N LEU A 563 34.30 6.23 15.83
CA LEU A 563 34.72 7.45 16.50
C LEU A 563 35.74 8.16 15.60
N PRO A 564 35.47 9.41 15.15
CA PRO A 564 36.45 10.16 14.34
C PRO A 564 37.82 10.21 15.01
N GLN A 565 38.86 10.12 14.16
CA GLN A 565 40.25 10.11 14.56
C GLN A 565 40.98 11.37 14.13
N ALA A 566 41.88 11.82 15.01
CA ALA A 566 42.77 12.95 14.77
C ALA A 566 44.01 12.36 14.14
N MET A 567 44.49 12.95 13.03
CA MET A 567 45.69 12.53 12.30
C MET A 567 45.75 11.06 11.81
N ASN A 568 44.59 10.39 11.81
CA ASN A 568 44.47 9.02 11.32
C ASN A 568 43.10 8.74 10.76
N ILE A 569 43.03 7.76 9.86
CA ILE A 569 41.79 7.37 9.21
C ILE A 569 40.80 6.81 10.25
N THR A 570 39.50 7.07 10.06
CA THR A 570 38.42 6.71 11.00
C THR A 570 37.87 5.29 10.79
N CYS A 571 37.85 4.87 9.53
CA CYS A 571 37.33 3.58 9.09
C CYS A 571 38.11 3.05 7.88
N THR A 572 38.02 1.72 7.62
CA THR A 572 38.71 0.98 6.56
C THR A 572 37.72 0.34 5.58
N GLY A 573 36.45 0.66 5.76
CA GLY A 573 35.36 0.15 4.96
C GLY A 573 34.02 0.44 5.59
N ARG A 574 32.93 0.00 4.94
CA ARG A 574 31.56 0.17 5.43
C ARG A 574 31.30 -0.73 6.65
N GLY A 575 30.29 -0.38 7.45
CA GLY A 575 29.87 -1.18 8.60
C GLY A 575 30.58 -0.95 9.91
N PRO A 576 30.00 -1.46 11.03
CA PRO A 576 30.63 -1.28 12.35
C PRO A 576 31.81 -2.22 12.64
N ASP A 577 32.13 -3.08 11.69
CA ASP A 577 33.25 -4.01 11.82
C ASP A 577 34.51 -3.43 11.22
N ASN A 578 34.42 -2.22 10.65
CA ASN A 578 35.54 -1.56 10.01
C ASN A 578 35.93 -0.21 10.61
N CYS A 579 35.57 0.01 11.91
CA CYS A 579 35.92 1.23 12.66
C CYS A 579 37.28 1.04 13.28
N ILE A 580 38.05 2.13 13.43
CA ILE A 580 39.34 2.14 14.12
C ILE A 580 39.02 2.11 15.61
N GLN A 581 38.04 2.91 16.02
CA GLN A 581 37.63 3.02 17.40
C GLN A 581 36.13 3.21 17.45
N CYS A 582 35.49 2.65 18.45
CA CYS A 582 34.05 2.76 18.65
C CYS A 582 33.70 4.07 19.34
N ALA A 583 32.57 4.67 18.91
CA ALA A 583 32.05 5.92 19.44
C ALA A 583 31.23 5.67 20.73
N HIS A 584 30.50 4.51 20.81
CA HIS A 584 29.66 4.21 21.96
C HIS A 584 30.04 2.94 22.70
N TYR A 585 29.63 1.76 22.19
CA TYR A 585 29.97 0.48 22.83
C TYR A 585 30.66 -0.51 21.91
N ILE A 586 31.39 -1.45 22.51
CA ILE A 586 32.11 -2.50 21.79
C ILE A 586 31.45 -3.84 22.11
N ASP A 587 30.99 -4.54 21.06
CA ASP A 587 30.43 -5.88 21.16
C ASP A 587 31.29 -6.74 20.25
N GLY A 588 32.38 -7.27 20.81
CA GLY A 588 33.36 -8.07 20.10
C GLY A 588 33.99 -7.25 18.97
N PRO A 589 33.69 -7.59 17.69
CA PRO A 589 34.26 -6.82 16.56
C PRO A 589 33.43 -5.61 16.12
N HIS A 590 32.22 -5.43 16.68
CA HIS A 590 31.28 -4.36 16.31
C HIS A 590 31.29 -3.17 17.22
N CYS A 591 30.99 -2.01 16.64
CA CYS A 591 30.77 -0.78 17.37
C CYS A 591 29.26 -0.61 17.39
N VAL A 592 28.69 -0.55 18.59
CA VAL A 592 27.24 -0.48 18.80
C VAL A 592 26.79 0.74 19.61
N LYS A 593 25.61 1.29 19.26
CA LYS A 593 25.06 2.43 20.01
C LYS A 593 24.62 1.97 21.43
N THR A 594 24.24 0.66 21.54
CA THR A 594 23.85 -0.07 22.75
C THR A 594 24.16 -1.58 22.63
N CYS A 595 24.42 -2.21 23.77
CA CYS A 595 24.71 -3.64 23.87
C CYS A 595 23.52 -4.53 23.49
N PRO A 596 23.77 -5.74 22.90
CA PRO A 596 22.65 -6.63 22.54
C PRO A 596 21.79 -6.99 23.75
N ALA A 597 20.48 -6.74 23.61
CA ALA A 597 19.50 -6.93 24.67
C ALA A 597 18.19 -7.46 24.11
N GLY A 598 17.92 -8.75 24.35
CA GLY A 598 16.72 -9.41 23.89
C GLY A 598 16.83 -10.08 22.54
N VAL A 599 18.04 -10.09 21.96
CA VAL A 599 18.23 -10.79 20.70
C VAL A 599 18.27 -12.30 21.02
N MET A 600 17.68 -13.12 20.15
CA MET A 600 17.63 -14.56 20.36
C MET A 600 18.95 -15.25 20.05
N GLY A 601 19.42 -16.06 20.99
CA GLY A 601 20.64 -16.84 20.82
C GLY A 601 20.35 -18.30 20.56
N GLU A 602 21.42 -19.10 20.50
CA GLU A 602 21.35 -20.55 20.28
C GLU A 602 20.55 -21.25 21.40
N ASN A 603 19.83 -22.35 21.05
CA ASN A 603 19.01 -23.17 21.97
C ASN A 603 17.89 -22.42 22.70
N ASN A 604 17.09 -21.65 21.93
CA ASN A 604 15.94 -20.87 22.40
C ASN A 604 16.16 -20.12 23.75
N THR A 605 17.28 -19.39 23.86
CA THR A 605 17.63 -18.59 25.05
C THR A 605 18.10 -17.20 24.61
N LEU A 606 17.49 -16.17 25.19
CA LEU A 606 17.77 -14.77 24.87
C LEU A 606 19.15 -14.34 25.25
N VAL A 607 19.74 -13.45 24.45
CA VAL A 607 21.06 -12.85 24.66
C VAL A 607 20.79 -11.46 25.23
N TRP A 608 21.36 -11.21 26.41
CA TRP A 608 21.29 -9.95 27.14
C TRP A 608 22.70 -9.62 27.51
N LYS A 609 23.15 -8.41 27.18
CA LYS A 609 24.49 -7.95 27.53
C LYS A 609 24.38 -6.65 28.32
N TYR A 610 25.43 -6.33 29.07
CA TYR A 610 25.51 -5.11 29.85
C TYR A 610 26.82 -4.44 29.45
N ALA A 611 26.98 -3.14 29.74
CA ALA A 611 28.22 -2.45 29.42
C ALA A 611 29.01 -2.22 30.70
N ASP A 612 30.34 -2.46 30.62
CA ASP A 612 31.26 -2.27 31.74
C ASP A 612 31.85 -0.85 31.64
N ALA A 613 32.77 -0.50 32.57
CA ALA A 613 33.49 0.78 32.67
C ALA A 613 34.23 1.24 31.40
N GLY A 614 34.70 0.28 30.61
CA GLY A 614 35.43 0.54 29.37
C GLY A 614 34.54 0.50 28.14
N HIS A 615 33.20 0.55 28.36
CA HIS A 615 32.17 0.53 27.33
C HIS A 615 32.12 -0.79 26.55
N VAL A 616 32.53 -1.89 27.20
CA VAL A 616 32.56 -3.20 26.56
C VAL A 616 31.34 -4.04 26.96
N CYS A 617 30.65 -4.59 25.94
CA CYS A 617 29.48 -5.43 26.12
C CYS A 617 29.89 -6.81 26.62
N HIS A 618 29.24 -7.26 27.70
CA HIS A 618 29.47 -8.56 28.33
C HIS A 618 28.16 -9.24 28.64
N LEU A 619 28.06 -10.55 28.39
CA LEU A 619 26.88 -11.37 28.68
C LEU A 619 26.41 -11.23 30.14
N CYS A 620 25.08 -11.14 30.33
CA CYS A 620 24.41 -11.08 31.63
C CYS A 620 24.47 -12.46 32.26
N HIS A 621 24.29 -12.57 33.61
CA HIS A 621 24.25 -13.88 34.28
C HIS A 621 23.11 -14.73 33.67
N PRO A 622 23.30 -16.06 33.41
CA PRO A 622 22.24 -16.84 32.75
C PRO A 622 20.84 -16.80 33.37
N ASN A 623 20.74 -16.41 34.65
CA ASN A 623 19.47 -16.35 35.38
C ASN A 623 18.71 -15.03 35.17
N CYS A 624 19.32 -14.09 34.42
CA CYS A 624 18.76 -12.77 34.11
C CYS A 624 17.90 -12.78 32.85
N THR A 625 16.94 -13.73 32.78
CA THR A 625 16.03 -13.95 31.64
C THR A 625 15.35 -12.71 31.03
N TYR A 626 15.35 -11.57 31.75
CA TYR A 626 14.73 -10.33 31.26
C TYR A 626 15.75 -9.21 30.90
N GLY A 627 17.01 -9.37 31.32
CA GLY A 627 18.06 -8.39 31.07
C GLY A 627 18.73 -7.98 32.36
N CYS A 628 19.87 -7.28 32.27
CA CYS A 628 20.63 -6.87 33.44
C CYS A 628 21.31 -5.54 33.24
N THR A 629 21.76 -4.91 34.34
CA THR A 629 22.47 -3.62 34.35
C THR A 629 23.96 -3.78 34.62
N GLY A 630 24.34 -4.91 35.23
CA GLY A 630 25.72 -5.27 35.57
C GLY A 630 25.97 -6.76 35.70
N PRO A 631 27.21 -7.19 36.06
CA PRO A 631 27.48 -8.62 36.18
C PRO A 631 26.82 -9.32 37.36
N GLY A 632 26.68 -10.65 37.23
CA GLY A 632 26.09 -11.55 38.22
C GLY A 632 24.63 -11.28 38.50
N LEU A 633 24.12 -11.92 39.58
CA LEU A 633 22.75 -11.74 40.06
C LEU A 633 22.58 -10.36 40.66
N GLU A 634 23.70 -9.73 41.11
CA GLU A 634 23.73 -8.39 41.69
C GLU A 634 22.99 -7.36 40.80
N GLY A 635 23.52 -7.06 39.60
CA GLY A 635 22.88 -6.14 38.67
C GLY A 635 21.66 -6.75 37.99
N CYS A 636 20.85 -7.47 38.80
CA CYS A 636 19.66 -8.22 38.38
C CYS A 636 18.63 -8.28 39.56
N PRO A 637 17.48 -7.58 39.52
CA PRO A 637 16.51 -7.73 40.62
C PRO A 637 15.65 -9.02 40.47
N THR A 638 15.45 -9.90 41.51
CA THR A 638 15.86 -9.91 42.93
C THR A 638 15.15 -8.88 43.82
N ASP B 5 -26.86 4.38 -18.26
CA ASP B 5 -27.57 5.03 -19.37
C ASP B 5 -28.72 5.91 -18.83
N VAL B 6 -28.31 6.97 -18.09
CA VAL B 6 -29.12 7.99 -17.42
C VAL B 6 -30.40 7.57 -16.69
N PRO B 7 -30.41 7.57 -15.34
CA PRO B 7 -31.68 7.38 -14.64
C PRO B 7 -32.49 8.70 -14.71
N ARG B 8 -33.79 8.64 -14.40
CA ARG B 8 -34.60 9.85 -14.42
C ARG B 8 -35.76 9.79 -13.46
N ASP B 9 -36.40 10.95 -13.28
CA ASP B 9 -37.59 11.16 -12.49
C ASP B 9 -37.47 10.95 -10.98
N LEU B 10 -36.28 11.29 -10.40
CA LEU B 10 -36.09 11.31 -8.95
C LEU B 10 -37.18 12.22 -8.39
N GLU B 11 -37.92 11.71 -7.40
CA GLU B 11 -39.07 12.41 -6.85
C GLU B 11 -39.36 11.95 -5.43
N VAL B 12 -39.81 12.89 -4.55
CA VAL B 12 -40.32 12.54 -3.22
C VAL B 12 -41.78 12.13 -3.53
N VAL B 13 -42.18 10.91 -3.14
CA VAL B 13 -43.52 10.42 -3.44
C VAL B 13 -44.43 10.41 -2.26
N ALA B 14 -43.84 10.34 -1.05
CA ALA B 14 -44.54 10.35 0.24
C ALA B 14 -43.58 10.94 1.28
N ALA B 15 -44.08 11.64 2.28
CA ALA B 15 -43.24 12.29 3.30
C ALA B 15 -43.91 12.48 4.67
N THR B 16 -43.11 12.55 5.74
CA THR B 16 -43.54 12.93 7.11
C THR B 16 -42.52 14.01 7.52
N PRO B 17 -42.69 14.72 8.64
CA PRO B 17 -41.66 15.71 9.03
C PRO B 17 -40.20 15.24 9.07
N THR B 18 -39.94 13.92 9.18
CA THR B 18 -38.61 13.34 9.35
C THR B 18 -38.22 12.19 8.40
N SER B 19 -39.17 11.77 7.51
CA SER B 19 -38.95 10.69 6.53
C SER B 19 -39.42 11.05 5.14
N LEU B 20 -38.73 10.52 4.13
CA LEU B 20 -39.05 10.73 2.72
C LEU B 20 -39.05 9.40 2.01
N LEU B 21 -39.99 9.21 1.08
CA LEU B 21 -40.08 8.03 0.24
C LEU B 21 -39.71 8.59 -1.12
N ILE B 22 -38.47 8.29 -1.54
CA ILE B 22 -37.96 8.71 -2.83
C ILE B 22 -38.10 7.61 -3.88
N SER B 23 -38.32 8.04 -5.13
CA SER B 23 -38.50 7.13 -6.26
C SER B 23 -37.90 7.70 -7.53
N TRP B 24 -37.35 6.79 -8.37
CA TRP B 24 -36.73 7.11 -9.63
C TRP B 24 -36.99 5.97 -10.62
N ASP B 25 -36.70 6.23 -11.89
CA ASP B 25 -36.81 5.31 -13.01
C ASP B 25 -35.38 5.00 -13.51
N SER B 26 -35.02 3.71 -13.60
CA SER B 26 -33.71 3.25 -14.07
C SER B 26 -33.54 3.43 -15.56
N GLY B 27 -34.64 3.28 -16.28
CA GLY B 27 -34.71 3.44 -17.73
C GLY B 27 -34.09 2.27 -18.46
N ARG B 28 -33.78 2.50 -19.76
CA ARG B 28 -33.13 1.51 -20.64
C ARG B 28 -31.68 1.43 -20.18
N GLY B 29 -31.50 0.75 -19.05
CA GLY B 29 -30.22 0.60 -18.39
C GLY B 29 -30.33 -0.32 -17.20
N SER B 30 -29.20 -0.96 -16.87
CA SER B 30 -29.14 -1.84 -15.73
C SER B 30 -27.93 -1.51 -14.90
N TYR B 31 -28.18 -1.31 -13.60
CA TYR B 31 -27.19 -0.92 -12.63
C TYR B 31 -27.08 -2.00 -11.56
N GLN B 32 -25.87 -2.20 -10.98
CA GLN B 32 -25.71 -3.25 -9.95
C GLN B 32 -26.31 -2.77 -8.68
N TYR B 33 -26.19 -1.45 -8.44
CA TYR B 33 -26.71 -0.79 -7.24
C TYR B 33 -26.84 0.74 -7.42
N TYR B 34 -27.42 1.42 -6.39
CA TYR B 34 -27.61 2.86 -6.33
C TYR B 34 -27.03 3.37 -5.05
N ARG B 35 -26.30 4.47 -5.15
CA ARG B 35 -25.73 5.11 -3.98
C ARG B 35 -26.63 6.32 -3.69
N ILE B 36 -27.25 6.30 -2.53
CA ILE B 36 -28.11 7.42 -2.16
C ILE B 36 -27.37 8.30 -1.16
N THR B 37 -27.32 9.62 -1.43
CA THR B 37 -26.71 10.57 -0.52
C THR B 37 -27.70 11.66 -0.18
N TYR B 38 -27.64 12.12 1.04
CA TYR B 38 -28.49 13.21 1.44
C TYR B 38 -27.81 14.03 2.50
N GLY B 39 -28.11 15.32 2.46
CA GLY B 39 -27.59 16.31 3.40
C GLY B 39 -28.27 17.64 3.24
N GLU B 40 -28.23 18.47 4.28
CA GLU B 40 -28.79 19.80 4.27
C GLU B 40 -28.05 20.58 3.18
N THR B 41 -28.82 21.19 2.27
CA THR B 41 -28.30 22.02 1.17
C THR B 41 -27.13 22.93 1.62
N GLY B 42 -27.15 23.33 2.89
CA GLY B 42 -26.11 24.14 3.53
C GLY B 42 -24.66 23.84 3.17
N GLY B 43 -23.99 22.90 3.84
CA GLY B 43 -24.55 22.11 4.92
C GLY B 43 -23.62 21.82 6.08
N ASN B 44 -22.36 22.31 6.01
CA ASN B 44 -21.31 22.14 7.04
C ASN B 44 -20.95 20.64 7.30
N SER B 45 -21.86 19.85 7.92
CA SER B 45 -21.64 18.43 8.16
C SER B 45 -21.71 17.63 6.83
N PRO B 46 -20.83 16.62 6.60
CA PRO B 46 -20.89 15.88 5.32
C PRO B 46 -22.17 15.07 5.09
N VAL B 47 -22.40 14.66 3.84
CA VAL B 47 -23.57 13.90 3.44
C VAL B 47 -23.59 12.51 4.05
N GLN B 48 -24.79 12.00 4.29
CA GLN B 48 -25.03 10.66 4.77
C GLN B 48 -25.28 9.80 3.55
N GLU B 49 -24.82 8.54 3.58
CA GLU B 49 -25.05 7.67 2.47
C GLU B 49 -25.43 6.26 2.79
N PHE B 50 -26.16 5.64 1.85
CA PHE B 50 -26.52 4.25 1.90
C PHE B 50 -26.68 3.75 0.47
N THR B 51 -26.63 2.43 0.29
CA THR B 51 -26.72 1.80 -1.01
C THR B 51 -28.04 1.02 -1.15
N VAL B 52 -28.66 1.08 -2.33
CA VAL B 52 -29.93 0.45 -2.67
C VAL B 52 -29.66 -0.54 -3.81
N PRO B 53 -30.08 -1.83 -3.73
CA PRO B 53 -29.81 -2.78 -4.82
C PRO B 53 -30.29 -2.31 -6.21
N GLY B 54 -29.63 -2.78 -7.25
CA GLY B 54 -29.92 -2.44 -8.64
C GLY B 54 -31.36 -2.64 -9.01
N PRO B 55 -31.98 -3.79 -8.62
CA PRO B 55 -33.39 -4.05 -8.97
C PRO B 55 -34.44 -3.21 -8.23
N VAL B 56 -34.05 -2.40 -7.23
CA VAL B 56 -35.05 -1.61 -6.47
C VAL B 56 -34.97 -0.11 -6.79
N HIS B 57 -36.14 0.55 -7.00
CA HIS B 57 -36.24 1.93 -7.46
C HIS B 57 -36.93 2.87 -6.52
N THR B 58 -36.98 2.47 -5.23
CA THR B 58 -37.65 3.19 -4.16
C THR B 58 -36.79 3.17 -2.90
N ALA B 59 -36.83 4.25 -2.08
CA ALA B 59 -36.04 4.30 -0.86
C ALA B 59 -36.65 5.17 0.21
N THR B 60 -36.43 4.77 1.45
CA THR B 60 -36.87 5.52 2.60
C THR B 60 -35.69 6.21 3.28
N ILE B 61 -35.70 7.56 3.31
CA ILE B 61 -34.71 8.32 4.05
C ILE B 61 -35.38 8.71 5.34
N SER B 62 -34.84 8.22 6.46
CA SER B 62 -35.37 8.40 7.82
C SER B 62 -34.48 9.26 8.71
N GLY B 63 -35.06 9.70 9.83
CA GLY B 63 -34.33 10.47 10.85
C GLY B 63 -33.90 11.84 10.41
N LEU B 64 -34.63 12.45 9.47
CA LEU B 64 -34.34 13.82 9.03
C LEU B 64 -34.86 14.84 10.09
N LYS B 65 -34.42 16.10 9.95
CA LYS B 65 -34.83 17.16 10.86
C LYS B 65 -35.94 17.87 10.15
N PRO B 66 -37.07 18.15 10.83
CA PRO B 66 -38.15 18.92 10.17
C PRO B 66 -37.70 20.37 9.87
N GLY B 67 -38.33 20.97 8.86
CA GLY B 67 -38.08 22.34 8.38
C GLY B 67 -36.75 22.57 7.70
N VAL B 68 -36.00 21.50 7.44
CA VAL B 68 -34.68 21.65 6.82
C VAL B 68 -34.73 21.40 5.32
N ASP B 69 -33.92 22.17 4.56
CA ASP B 69 -33.72 22.07 3.10
C ASP B 69 -32.67 20.99 2.86
N TYR B 70 -33.06 19.92 2.17
CA TYR B 70 -32.15 18.81 1.90
C TYR B 70 -31.82 18.66 0.42
N THR B 71 -30.60 18.22 0.11
CA THR B 71 -30.24 17.87 -1.27
C THR B 71 -30.14 16.37 -1.30
N ILE B 72 -30.91 15.72 -2.19
CA ILE B 72 -30.90 14.24 -2.35
C ILE B 72 -30.35 13.84 -3.73
N THR B 73 -29.29 13.05 -3.72
CA THR B 73 -28.66 12.53 -4.92
C THR B 73 -28.74 11.02 -4.97
N VAL B 74 -29.02 10.52 -6.17
CA VAL B 74 -29.06 9.12 -6.50
C VAL B 74 -28.06 8.94 -7.65
N TYR B 75 -27.02 8.13 -7.41
CA TYR B 75 -26.01 7.76 -8.39
C TYR B 75 -26.35 6.35 -8.81
N ALA B 76 -26.78 6.19 -10.04
CA ALA B 76 -27.00 4.86 -10.61
C ALA B 76 -25.60 4.36 -10.96
N VAL B 77 -25.22 3.20 -10.39
CA VAL B 77 -23.88 2.63 -10.51
C VAL B 77 -23.72 1.33 -11.33
N THR B 78 -22.77 1.35 -12.31
CA THR B 78 -22.36 0.21 -13.17
C THR B 78 -21.01 -0.24 -12.60
N ASP B 79 -20.94 -1.48 -12.08
CA ASP B 79 -19.77 -2.03 -11.40
C ASP B 79 -19.64 -3.53 -11.68
N HIS B 80 -19.08 -3.87 -12.84
CA HIS B 80 -18.91 -5.25 -13.28
C HIS B 80 -17.60 -5.51 -14.04
N LYS B 81 -17.33 -6.78 -14.25
CA LYS B 81 -16.22 -7.37 -14.97
C LYS B 81 -16.82 -8.64 -15.54
N PRO B 82 -16.31 -9.20 -16.67
CA PRO B 82 -16.87 -10.47 -17.17
C PRO B 82 -16.36 -11.70 -16.40
N HIS B 83 -15.32 -11.49 -15.56
CA HIS B 83 -14.53 -12.49 -14.86
C HIS B 83 -13.67 -11.73 -13.87
N ALA B 84 -13.28 -12.43 -12.77
CA ALA B 84 -12.40 -11.95 -11.71
C ALA B 84 -11.19 -11.19 -12.24
N ASP B 85 -10.57 -11.71 -13.33
CA ASP B 85 -9.37 -11.15 -13.97
C ASP B 85 -9.65 -10.29 -15.20
N GLY B 86 -10.91 -9.90 -15.37
CA GLY B 86 -11.34 -9.12 -16.52
C GLY B 86 -11.31 -7.61 -16.36
N PRO B 87 -11.51 -6.88 -17.49
CA PRO B 87 -11.54 -5.42 -17.43
C PRO B 87 -12.71 -4.94 -16.59
N HIS B 88 -12.44 -3.96 -15.73
CA HIS B 88 -13.45 -3.36 -14.87
C HIS B 88 -14.22 -2.27 -15.59
N THR B 89 -15.52 -2.36 -15.57
CA THR B 89 -16.42 -1.36 -16.10
C THR B 89 -17.04 -0.76 -14.83
N TYR B 90 -16.76 0.52 -14.62
CA TYR B 90 -17.21 1.32 -13.51
C TYR B 90 -17.60 2.74 -13.99
N HIS B 91 -18.88 3.08 -13.80
CA HIS B 91 -19.49 4.34 -14.19
C HIS B 91 -20.54 4.72 -13.18
N GLU B 92 -20.76 6.04 -12.97
CA GLU B 92 -21.81 6.59 -12.07
C GLU B 92 -22.65 7.66 -12.78
N SER B 93 -23.98 7.50 -12.78
CA SER B 93 -24.85 8.47 -13.46
C SER B 93 -25.80 9.08 -12.43
N PRO B 94 -25.51 10.34 -12.00
CA PRO B 94 -26.32 10.94 -10.91
C PRO B 94 -27.57 11.73 -11.32
N ILE B 95 -28.56 11.72 -10.41
CA ILE B 95 -29.79 12.53 -10.51
C ILE B 95 -30.00 13.11 -9.16
N SER B 96 -30.48 14.36 -9.08
CA SER B 96 -30.69 14.99 -7.78
C SER B 96 -31.90 15.91 -7.71
N ILE B 97 -32.43 16.09 -6.51
CA ILE B 97 -33.55 16.96 -6.20
C ILE B 97 -33.24 17.66 -4.87
N ASN B 98 -33.96 18.75 -4.61
CA ASN B 98 -33.92 19.51 -3.38
C ASN B 98 -35.30 19.36 -2.76
N TYR B 99 -35.36 19.05 -1.48
CA TYR B 99 -36.65 18.94 -0.80
C TYR B 99 -36.55 19.51 0.62
N ARG B 100 -37.58 20.27 1.03
CA ARG B 100 -37.67 20.83 2.38
C ARG B 100 -38.68 20.04 3.20
N THR B 101 -38.22 19.48 4.32
CA THR B 101 -39.05 18.71 5.26
C THR B 101 -40.15 19.60 5.88
N GLU B 102 -41.31 19.02 6.17
CA GLU B 102 -42.47 19.73 6.73
C GLU B 102 -42.38 19.89 8.23
N ILE B 103 -42.90 21.02 8.77
CA ILE B 103 -42.91 21.33 10.20
C ILE B 103 -43.74 20.26 10.95
N ASP B 104 -43.24 19.83 12.14
CA ASP B 104 -43.83 18.79 13.00
C ASP B 104 -45.27 19.04 13.46
C1 NAG C . -16.24 -28.65 -2.60
C2 NAG C . -16.59 -29.37 -3.90
C3 NAG C . -16.75 -30.87 -3.67
C4 NAG C . -15.54 -31.42 -2.92
C5 NAG C . -15.30 -30.65 -1.62
C6 NAG C . -14.04 -31.08 -0.90
C7 NAG C . -17.87 -28.74 -5.90
C8 NAG C . -19.20 -28.30 -6.43
N2 NAG C . -17.76 -28.84 -4.57
O3 NAG C . -16.90 -31.52 -4.92
O4 NAG C . -15.66 -32.82 -2.71
O5 NAG C . -15.13 -29.26 -1.93
O6 NAG C . -12.99 -31.32 -1.83
O7 NAG C . -16.93 -29.04 -6.65
C1 NAG C . -14.63 -33.61 -3.29
C2 NAG C . -14.49 -34.95 -2.57
C3 NAG C . -13.41 -35.82 -3.22
C4 NAG C . -13.52 -35.80 -4.75
C5 NAG C . -13.65 -34.37 -5.27
C6 NAG C . -13.81 -34.23 -6.76
C7 NAG C . -14.67 -35.38 -0.16
C8 NAG C . -14.01 -35.16 1.17
N2 NAG C . -14.14 -34.70 -1.18
O3 NAG C . -13.55 -37.15 -2.74
O4 NAG C . -12.36 -36.46 -5.25
O5 NAG C . -14.82 -33.78 -4.68
O6 NAG C . -14.12 -32.88 -7.12
O7 NAG C . -15.61 -36.15 -0.31
C1 BMA C . -12.47 -37.22 -6.44
C2 BMA C . -11.09 -37.58 -6.96
C3 BMA C . -11.16 -38.84 -7.81
C4 BMA C . -11.65 -40.02 -6.97
C5 BMA C . -12.90 -39.67 -6.15
C6 BMA C . -12.78 -39.88 -4.66
O2 BMA C . -10.14 -37.71 -5.91
O3 BMA C . -9.86 -39.08 -8.35
O4 BMA C . -11.97 -41.12 -7.82
O5 BMA C . -13.38 -38.34 -6.39
O6 BMA C . -13.35 -41.13 -4.30
C1 MAN C . -9.48 -38.64 -9.67
C2 MAN C . -9.30 -37.11 -9.81
C3 MAN C . -8.70 -36.78 -11.18
C4 MAN C . -9.41 -37.51 -12.33
C5 MAN C . -9.75 -38.97 -12.04
C6 MAN C . -8.59 -39.94 -12.15
O2 MAN C . -8.46 -36.60 -8.79
O3 MAN C . -7.28 -37.00 -11.20
O4 MAN C . -10.56 -36.78 -12.74
O5 MAN C . -10.32 -39.13 -10.73
O6 MAN C . -8.05 -40.00 -13.47
C1 MAN C . -14.32 -41.17 -3.26
C2 MAN C . -15.52 -42.00 -3.75
C3 MAN C . -16.56 -42.13 -2.65
C4 MAN C . -16.95 -40.77 -2.06
C5 MAN C . -15.73 -39.93 -1.69
C6 MAN C . -15.03 -40.32 -0.41
O2 MAN C . -15.07 -43.29 -4.12
O3 MAN C . -16.15 -43.07 -1.65
O4 MAN C . -17.76 -40.05 -2.97
O5 MAN C . -14.77 -39.90 -2.77
O6 MAN C . -14.24 -39.25 0.11
C1 FUC C . -11.71 -30.87 -1.47
C2 FUC C . -10.66 -31.63 -2.31
C3 FUC C . -10.72 -31.18 -3.77
C4 FUC C . -10.54 -29.67 -3.90
C5 FUC C . -11.60 -28.95 -3.06
C6 FUC C . -11.41 -27.46 -2.97
O2 FUC C . -10.83 -33.05 -2.21
O3 FUC C . -9.76 -31.88 -4.55
O4 FUC C . -9.23 -29.30 -3.47
O5 FUC C . -11.58 -29.46 -1.71
C1 NAG D . -3.08 16.19 -25.90
C2 NAG D . -3.19 16.11 -27.42
C3 NAG D . -4.56 15.52 -27.70
C4 NAG D . -4.70 14.14 -27.05
C5 NAG D . -4.32 14.18 -25.57
C6 NAG D . -4.15 12.79 -24.99
C7 NAG D . -1.84 17.82 -28.55
C8 NAG D . -1.87 19.11 -29.33
N2 NAG D . -3.02 17.38 -28.10
O3 NAG D . -4.70 15.40 -29.12
O4 NAG D . -6.05 13.68 -27.17
O5 NAG D . -3.08 14.87 -25.37
O6 NAG D . -4.44 12.74 -23.60
O7 NAG D . -0.79 17.22 -28.34
C1 NAG D . -6.33 12.64 -28.10
C2 NAG D . -7.76 12.18 -27.84
C3 NAG D . -8.06 11.05 -28.82
C4 NAG D . -8.01 11.59 -30.24
C5 NAG D . -6.68 12.30 -30.51
C6 NAG D . -6.73 13.17 -31.75
C7 NAG D . -7.57 11.33 -25.51
C8 NAG D . -8.11 11.57 -24.12
N2 NAG D . -8.27 11.90 -26.50
O3 NAG D . -9.33 10.47 -28.56
O4 NAG D . -8.14 10.53 -31.18
O5 NAG D . -6.35 13.18 -29.43
O6 NAG D . -5.67 14.12 -31.76
O7 NAG D . -6.57 10.64 -25.71
C1 BMA D . -9.29 10.46 -32.02
C2 BMA D . -8.81 10.12 -33.45
C3 BMA D . -9.96 9.68 -34.36
C4 BMA D . -10.78 8.58 -33.69
C5 BMA D . -11.28 9.06 -32.34
C6 BMA D . -12.03 7.99 -31.56
O2 BMA D . -7.80 9.11 -33.39
O3 BMA D . -9.46 9.26 -35.63
O4 BMA D . -11.84 8.16 -34.54
O5 BMA D . -10.16 9.43 -31.51
O6 BMA D . -12.25 8.38 -30.20
C1 NAG E . 3.81 6.57 -7.64
C2 NAG E . 2.68 5.65 -7.18
C3 NAG E . 3.18 4.59 -6.19
C4 NAG E . 4.02 5.23 -5.08
C5 NAG E . 5.14 6.13 -5.60
C6 NAG E . 6.40 5.42 -6.05
C7 NAG E . 0.71 7.13 -7.34
C8 NAG E . -0.40 7.78 -6.57
N2 NAG E . 1.57 6.40 -6.62
O3 NAG E . 3.88 3.54 -6.85
O4 NAG E . 3.17 5.88 -4.14
O5 NAG E . 4.72 7.03 -6.64
O6 NAG E . 7.44 6.34 -6.33
O7 NAG E . 0.82 7.27 -8.56
C1 NAG E . 3.72 6.54 -2.99
C2 NAG E . 3.00 7.88 -2.82
C3 NAG E . 1.63 7.67 -2.18
C4 NAG E . 1.73 6.86 -0.89
C5 NAG E . 2.53 5.55 -1.04
C6 NAG E . 1.77 4.38 -1.59
C7 NAG E . 4.53 9.81 -2.67
C8 NAG E . 5.28 10.72 -1.74
N2 NAG E . 3.78 8.86 -2.09
O3 NAG E . 0.72 7.08 -3.10
O4 NAG E . 2.28 7.65 0.17
O5 NAG E . 3.75 5.73 -1.80
O6 NAG E . 2.39 3.15 -1.23
O7 NAG E . 4.61 9.94 -3.90
C1 NAG F . 42.09 16.55 -7.64
C2 NAG F . 42.79 16.85 -6.33
C3 NAG F . 42.65 18.30 -5.85
C4 NAG F . 42.90 19.26 -7.01
C5 NAG F . 41.96 18.95 -8.16
C6 NAG F . 42.17 19.84 -9.37
C7 NAG F . 42.85 14.71 -5.10
C8 NAG F . 42.13 13.83 -4.12
N2 NAG F . 42.31 15.92 -5.31
O3 NAG F . 43.62 18.55 -4.82
O4 NAG F . 42.69 20.59 -6.54
O5 NAG F . 42.16 17.60 -8.62
O6 NAG F . 43.47 19.65 -9.94
O7 NAG F . 43.86 14.33 -5.70
C1 NAG F . 43.77 21.52 -6.60
C2 NAG F . 43.16 22.91 -6.44
C3 NAG F . 44.28 23.94 -6.41
C4 NAG F . 45.28 23.62 -5.29
C5 NAG F . 45.80 22.19 -5.47
C6 NAG F . 46.69 21.71 -4.35
C7 NAG F . 40.89 23.17 -7.35
C8 NAG F . 40.07 23.77 -8.45
N2 NAG F . 42.22 23.23 -7.50
O3 NAG F . 43.73 25.24 -6.20
O4 NAG F . 46.34 24.57 -5.30
O5 NAG F . 44.71 21.27 -5.55
O6 NAG F . 45.95 21.47 -3.15
O7 NAG F . 40.35 22.65 -6.36
C1 BMA F . 46.52 25.37 -4.14
C2 BMA F . 47.98 25.78 -3.94
C3 BMA F . 48.01 27.11 -3.18
C4 BMA F . 47.36 28.23 -4.00
C5 BMA F . 46.00 27.81 -4.54
C6 BMA F . 45.87 27.85 -6.05
O2 BMA F . 48.65 25.87 -5.19
O3 BMA F . 49.27 27.50 -2.63
O4 BMA F . 47.17 29.36 -3.14
O5 BMA F . 45.61 26.50 -4.07
O6 BMA F . 45.53 29.15 -6.54
C1 MAN F . 50.47 26.70 -2.68
C2 MAN F . 50.64 26.01 -1.30
C3 MAN F . 52.02 25.38 -1.14
C4 MAN F . 53.14 26.39 -1.45
C5 MAN F . 52.93 27.09 -2.80
C6 MAN F . 53.26 26.25 -4.02
O2 MAN F . 49.66 24.99 -1.14
O3 MAN F . 52.14 24.20 -1.93
O4 MAN F . 53.24 27.36 -0.42
O5 MAN F . 51.58 27.59 -2.92
O6 MAN F . 53.88 27.01 -5.05
C1 MAN F . 44.44 29.25 -7.44
C2 MAN F . 43.14 29.37 -6.62
C3 MAN F . 41.90 29.36 -7.51
C4 MAN F . 41.92 28.23 -8.54
C5 MAN F . 43.25 28.10 -9.28
C6 MAN F . 43.46 29.12 -10.39
O2 MAN F . 43.16 30.57 -5.88
O3 MAN F . 41.70 30.62 -8.15
O4 MAN F . 41.61 26.98 -7.91
O5 MAN F . 44.37 28.16 -8.37
O6 MAN F . 42.52 28.95 -11.45
C1 FUC F . 44.15 20.85 -10.25
C2 FUC F . 45.66 20.57 -10.27
C3 FUC F . 46.05 19.75 -11.51
C4 FUC F . 45.58 20.45 -12.78
C5 FUC F . 44.07 20.69 -12.71
C6 FUC F . 43.52 21.49 -13.87
O2 FUC F . 46.08 19.92 -9.08
O3 FUC F . 47.46 19.55 -11.54
O4 FUC F . 46.28 21.68 -12.97
O5 FUC F . 43.73 21.41 -11.51
C1 NAG G . 9.21 29.79 -12.96
C2 NAG G . 9.30 30.25 -11.51
C3 NAG G . 8.25 31.29 -11.12
C4 NAG G . 6.87 30.93 -11.65
C5 NAG G . 6.85 30.56 -13.14
C6 NAG G . 6.90 31.72 -14.10
C7 NAG G . 8.84 28.14 -10.24
C8 NAG G . 9.24 27.35 -9.04
N2 NAG G . 9.52 29.30 -10.44
O3 NAG G . 8.65 32.59 -11.53
O4 NAG G . 6.27 29.90 -10.87
O5 NAG G . 7.88 29.62 -13.48
O6 NAG G . 5.64 32.39 -14.19
O7 NAG G . 7.94 27.77 -11.00
C1 NAG H . 16.06 33.79 -20.40
C2 NAG H . 15.45 34.07 -19.03
C3 NAG H . 16.49 34.01 -17.91
C4 NAG H . 17.78 34.73 -18.30
C5 NAG H . 18.42 34.20 -19.59
C6 NAG H . 19.25 32.96 -19.45
C7 NAG H . 13.43 35.46 -19.28
C8 NAG H . 12.87 36.85 -19.18
N2 NAG H . 14.74 35.33 -18.98
O3 NAG H . 16.73 32.67 -17.50
O4 NAG H . 17.61 36.15 -18.33
O5 NAG H . 17.47 33.98 -20.66
O6 NAG H . 20.46 33.20 -18.74
O7 NAG H . 12.74 34.50 -19.62
#